data_6AJN
#
_entry.id   6AJN
#
_cell.length_a   100.750
_cell.length_b   117.080
_cell.length_c   77.630
_cell.angle_alpha   90.000
_cell.angle_beta   90.000
_cell.angle_gamma   90.000
#
_symmetry.space_group_name_H-M   'P 21 21 2'
#
loop_
_entity.id
_entity.type
_entity.pdbx_description
1 polymer N-acetyltransferase
2 polymer 'DUF1778 domain-containing protein'
3 non-polymer 'ACETYL COENZYME *A'
#
loop_
_entity_poly.entity_id
_entity_poly.type
_entity_poly.pdbx_seq_one_letter_code
_entity_poly.pdbx_strand_id
1 'polypeptide(L)'
;MDDLTIEILTDDADYDLQRFDCGEEALNLFLTTHLVRQHRNKILRAYILCRNTPERQVLGYYTLCGSCFERAALPSKSKQ
KKIPYKNIPSVTLGRLAIDRSLQGQGWGATLVAHAMNVVWSASLAVGIHGLFVEALNEKAHTFYKSLGFIPLVGENENAL
FFPTKSIELLFT
;
A,B
2 'polypeptide(L)'
;KQRIDLRLTDDDKSMIEEAAAISNQSVSQFMLNSASQRAAEVIEQHRRVILNEESWTRVMDALSNPPSPGEKLKRAAKRL
Q
;
C,D,E,F
#
loop_
_chem_comp.id
_chem_comp.type
_chem_comp.name
_chem_comp.formula
ACO non-polymer 'ACETYL COENZYME *A' 'C23 H38 N7 O17 P3 S'
#
# COMPACT_ATOMS: atom_id res chain seq x y z
N MET A 1 -2.12 -56.34 -6.00
CA MET A 1 -1.65 -55.43 -4.95
C MET A 1 -0.44 -56.01 -4.23
N ASP A 2 0.25 -56.95 -4.88
CA ASP A 2 1.51 -57.44 -4.36
C ASP A 2 2.62 -56.40 -4.49
N ASP A 3 2.44 -55.41 -5.35
CA ASP A 3 3.55 -54.64 -5.90
C ASP A 3 3.24 -53.13 -5.91
N LEU A 4 2.80 -52.59 -4.79
CA LEU A 4 2.56 -51.16 -4.69
C LEU A 4 3.86 -50.39 -4.45
N THR A 5 3.93 -49.19 -5.01
CA THR A 5 5.02 -48.26 -4.76
C THR A 5 4.44 -46.86 -4.61
N ILE A 6 5.25 -45.95 -4.10
CA ILE A 6 4.90 -44.54 -3.95
C ILE A 6 6.03 -43.73 -4.56
N GLU A 7 5.83 -43.22 -5.76
CA GLU A 7 6.85 -42.45 -6.47
C GLU A 7 6.42 -41.00 -6.63
N ILE A 8 7.42 -40.11 -6.71
CA ILE A 8 7.15 -38.76 -7.19
C ILE A 8 6.56 -38.86 -8.59
N LEU A 9 5.64 -37.96 -8.90
CA LEU A 9 5.04 -37.95 -10.23
C LEU A 9 6.11 -37.68 -11.27
N THR A 10 6.35 -38.66 -12.15
CA THR A 10 7.22 -38.44 -13.29
C THR A 10 6.46 -37.58 -14.30
N ASP A 11 6.97 -36.38 -14.55
CA ASP A 11 6.23 -35.29 -15.21
C ASP A 11 5.59 -35.68 -16.54
N ASP A 12 5.97 -36.84 -17.09
CA ASP A 12 5.50 -37.25 -18.40
C ASP A 12 3.97 -37.42 -18.45
N ALA A 13 3.31 -37.56 -17.30
CA ALA A 13 1.86 -37.70 -17.22
C ALA A 13 1.38 -38.91 -18.04
N ASP A 14 1.82 -40.09 -17.60
CA ASP A 14 1.56 -41.34 -18.30
C ASP A 14 0.82 -42.36 -17.45
N TYR A 15 0.26 -41.94 -16.32
CA TYR A 15 -0.43 -42.85 -15.41
C TYR A 15 -1.85 -43.10 -15.91
N ASP A 16 -2.65 -43.81 -15.11
CA ASP A 16 -4.05 -44.12 -15.42
C ASP A 16 -4.91 -43.50 -14.33
N LEU A 17 -5.57 -42.38 -14.65
CA LEU A 17 -6.19 -41.53 -13.64
C LEU A 17 -7.68 -41.80 -13.46
N GLN A 18 -8.47 -41.69 -14.53
CA GLN A 18 -9.92 -41.72 -14.38
C GLN A 18 -10.43 -43.00 -13.71
N ARG A 19 -9.67 -44.07 -13.78
CA ARG A 19 -10.01 -45.30 -13.04
C ARG A 19 -9.49 -45.22 -11.60
N PHE A 20 -9.96 -44.20 -10.90
CA PHE A 20 -9.66 -43.96 -9.49
C PHE A 20 -10.88 -43.38 -8.82
N ASP A 21 -11.16 -43.83 -7.60
CA ASP A 21 -12.33 -43.36 -6.85
C ASP A 21 -12.04 -43.51 -5.36
N CYS A 22 -12.02 -42.38 -4.65
CA CYS A 22 -11.67 -42.36 -3.24
C CYS A 22 -12.90 -42.20 -2.33
N GLY A 23 -14.07 -41.96 -2.91
CA GLY A 23 -15.30 -41.83 -2.15
C GLY A 23 -15.84 -40.42 -2.05
N GLU A 24 -15.13 -39.43 -2.58
CA GLU A 24 -15.56 -38.03 -2.53
C GLU A 24 -14.94 -37.31 -3.72
N GLU A 25 -15.79 -36.73 -4.57
CA GLU A 25 -15.33 -36.35 -5.91
C GLU A 25 -14.59 -35.03 -5.95
N ALA A 26 -14.39 -34.33 -4.83
CA ALA A 26 -13.52 -33.17 -4.84
C ALA A 26 -12.07 -33.58 -5.04
N LEU A 27 -11.58 -34.52 -4.22
CA LEU A 27 -10.25 -35.08 -4.42
C LEU A 27 -10.14 -35.78 -5.77
N ASN A 28 -11.21 -36.44 -6.19
CA ASN A 28 -11.21 -37.14 -7.48
C ASN A 28 -11.01 -36.15 -8.63
N LEU A 29 -11.85 -35.11 -8.69
CA LEU A 29 -11.73 -34.09 -9.73
C LEU A 29 -10.48 -33.25 -9.56
N PHE A 30 -9.85 -33.26 -8.39
CA PHE A 30 -8.54 -32.66 -8.22
C PHE A 30 -7.49 -33.49 -8.94
N LEU A 31 -7.51 -34.82 -8.75
CA LEU A 31 -6.60 -35.69 -9.48
C LEU A 31 -6.89 -35.65 -10.98
N THR A 32 -8.15 -35.47 -11.35
CA THR A 32 -8.58 -35.54 -12.75
C THR A 32 -7.79 -34.57 -13.62
N THR A 33 -7.82 -33.29 -13.27
CA THR A 33 -7.10 -32.26 -14.01
C THR A 33 -6.13 -31.47 -13.15
N HIS A 34 -6.49 -31.18 -11.89
CA HIS A 34 -5.74 -30.20 -11.10
C HIS A 34 -4.37 -30.72 -10.71
N LEU A 35 -4.25 -32.02 -10.41
CA LEU A 35 -3.03 -32.51 -9.77
C LEU A 35 -1.82 -32.36 -10.69
N VAL A 36 -1.94 -32.79 -11.94
CA VAL A 36 -0.79 -32.74 -12.85
C VAL A 36 -0.47 -31.29 -13.23
N ARG A 37 -1.51 -30.48 -13.47
CA ARG A 37 -1.29 -29.07 -13.77
C ARG A 37 -0.53 -28.37 -12.66
N GLN A 38 -0.95 -28.59 -11.41
CA GLN A 38 -0.33 -27.92 -10.29
C GLN A 38 1.00 -28.54 -9.89
N HIS A 39 1.24 -29.81 -10.23
CA HIS A 39 2.55 -30.40 -9.99
C HIS A 39 3.57 -29.85 -10.98
N ARG A 40 3.21 -29.80 -12.26
CA ARG A 40 4.12 -29.30 -13.28
C ARG A 40 4.28 -27.79 -13.21
N ASN A 41 3.31 -27.07 -12.63
CA ASN A 41 3.49 -25.67 -12.28
C ASN A 41 4.26 -25.51 -10.98
N LYS A 42 4.60 -26.61 -10.31
CA LYS A 42 5.41 -26.60 -9.08
C LYS A 42 4.73 -25.86 -7.93
N ILE A 43 3.39 -25.77 -7.95
CA ILE A 43 2.69 -25.31 -6.75
C ILE A 43 2.63 -26.41 -5.70
N LEU A 44 2.73 -27.68 -6.12
CA LEU A 44 2.76 -28.81 -5.20
C LEU A 44 3.76 -29.84 -5.69
N ARG A 45 4.02 -30.83 -4.85
CA ARG A 45 4.82 -32.00 -5.18
C ARG A 45 3.91 -33.22 -5.03
N ALA A 46 3.58 -33.86 -6.13
CA ALA A 46 2.54 -34.88 -6.17
C ALA A 46 3.19 -36.25 -6.09
N TYR A 47 2.91 -36.97 -5.00
CA TYR A 47 3.35 -38.35 -4.85
C TYR A 47 2.20 -39.29 -5.15
N ILE A 48 2.48 -40.32 -5.94
CA ILE A 48 1.50 -41.27 -6.44
C ILE A 48 1.77 -42.63 -5.81
N LEU A 49 0.76 -43.20 -5.14
CA LEU A 49 0.76 -44.59 -4.71
C LEU A 49 0.07 -45.40 -5.80
N CYS A 50 0.84 -46.25 -6.48
CA CYS A 50 0.35 -46.99 -7.64
C CYS A 50 0.93 -48.40 -7.60
N ARG A 51 0.73 -49.15 -8.68
CA ARG A 51 1.20 -50.52 -8.78
C ARG A 51 2.46 -50.59 -9.63
N ASN A 52 3.41 -51.42 -9.19
CA ASN A 52 4.66 -51.59 -9.93
C ASN A 52 4.42 -52.54 -11.09
N THR A 53 3.82 -51.98 -12.14
CA THR A 53 3.53 -52.70 -13.38
C THR A 53 3.64 -51.71 -14.53
N PRO A 54 3.77 -52.22 -15.76
CA PRO A 54 3.74 -51.29 -16.91
C PRO A 54 2.46 -50.47 -17.01
N GLU A 55 1.32 -51.01 -16.58
CA GLU A 55 0.05 -50.30 -16.75
C GLU A 55 -0.07 -49.13 -15.76
N ARG A 56 0.38 -49.33 -14.52
CA ARG A 56 0.56 -48.24 -13.54
C ARG A 56 -0.75 -47.50 -13.27
N GLN A 57 -1.68 -48.22 -12.66
CA GLN A 57 -2.93 -47.63 -12.21
C GLN A 57 -2.78 -47.04 -10.81
N VAL A 58 -3.36 -45.86 -10.62
CA VAL A 58 -3.19 -45.12 -9.37
C VAL A 58 -4.16 -45.65 -8.31
N LEU A 59 -3.67 -45.79 -7.09
CA LEU A 59 -4.50 -46.15 -5.95
C LEU A 59 -4.50 -45.09 -4.86
N GLY A 60 -3.59 -44.13 -4.90
CA GLY A 60 -3.59 -43.06 -3.93
C GLY A 60 -2.63 -41.96 -4.35
N TYR A 61 -2.67 -40.87 -3.60
CA TYR A 61 -1.76 -39.75 -3.85
C TYR A 61 -1.76 -38.82 -2.65
N TYR A 62 -0.68 -38.05 -2.53
CA TYR A 62 -0.64 -36.91 -1.63
C TYR A 62 0.17 -35.79 -2.27
N THR A 63 0.06 -34.60 -1.69
CA THR A 63 0.65 -33.39 -2.28
C THR A 63 1.38 -32.60 -1.19
N LEU A 64 2.62 -32.22 -1.48
CA LEU A 64 3.48 -31.53 -0.52
C LEU A 64 3.98 -30.23 -1.13
N CYS A 65 3.64 -29.12 -0.49
CA CYS A 65 4.11 -27.80 -0.88
C CYS A 65 4.92 -27.19 0.27
N GLY A 66 5.72 -26.18 -0.05
CA GLY A 66 6.28 -25.33 0.98
C GLY A 66 5.27 -24.30 1.46
N SER A 67 5.53 -23.75 2.63
CA SER A 67 4.61 -22.78 3.23
C SER A 67 5.35 -21.93 4.24
N CYS A 68 4.66 -20.92 4.75
CA CYS A 68 5.20 -20.02 5.76
C CYS A 68 4.06 -19.46 6.57
N PHE A 69 4.23 -19.41 7.89
CA PHE A 69 3.15 -19.01 8.78
C PHE A 69 3.51 -17.77 9.57
N GLU A 70 2.48 -17.11 10.10
CA GLU A 70 2.63 -15.82 10.75
C GLU A 70 1.45 -15.59 11.69
N ARG A 71 1.72 -14.84 12.77
CA ARG A 71 0.72 -14.52 13.78
C ARG A 71 -0.10 -13.30 13.35
N ALA A 72 -1.24 -13.09 14.02
CA ALA A 72 -2.13 -11.99 13.66
C ALA A 72 -1.44 -10.64 13.84
N ALA A 73 -1.07 -10.30 15.07
CA ALA A 73 -0.37 -9.04 15.33
C ALA A 73 0.34 -9.18 16.67
N LEU A 74 1.66 -9.10 16.65
CA LEU A 74 2.47 -9.31 17.84
C LEU A 74 2.27 -8.18 18.85
N PRO A 75 1.67 -8.43 20.01
CA PRO A 75 1.45 -7.37 20.97
C PRO A 75 2.53 -7.26 22.04
N SER A 76 2.78 -6.01 22.44
CA SER A 76 3.62 -5.71 23.61
C SER A 76 5.04 -6.27 23.47
N LYS A 77 5.63 -6.06 22.29
CA LYS A 77 7.00 -6.53 22.05
C LYS A 77 8.01 -5.40 22.22
N SER A 78 8.12 -4.92 23.46
CA SER A 78 9.20 -4.01 23.85
C SER A 78 9.94 -4.55 25.07
N LYS A 79 9.81 -5.85 25.34
CA LYS A 79 10.43 -6.45 26.52
C LYS A 79 11.93 -6.18 26.53
N GLN A 80 12.64 -6.73 25.55
CA GLN A 80 14.02 -6.30 25.31
C GLN A 80 14.23 -5.77 23.89
N LYS A 81 13.88 -6.54 22.87
CA LYS A 81 14.03 -6.13 21.48
C LYS A 81 12.95 -6.82 20.65
N LYS A 82 13.01 -6.62 19.34
CA LYS A 82 12.16 -7.35 18.41
C LYS A 82 12.90 -7.49 17.08
N ILE A 83 13.40 -8.68 16.79
CA ILE A 83 13.91 -9.01 15.46
C ILE A 83 12.76 -9.68 14.69
N PRO A 84 12.16 -9.03 13.70
CA PRO A 84 10.98 -9.60 13.04
C PRO A 84 11.29 -10.93 12.39
N TYR A 85 10.23 -11.74 12.22
CA TYR A 85 10.34 -13.06 11.64
C TYR A 85 9.03 -13.30 10.89
N LYS A 86 9.03 -13.02 9.58
CA LYS A 86 7.80 -12.92 8.82
C LYS A 86 7.56 -14.05 7.83
N ASN A 87 8.59 -14.84 7.51
CA ASN A 87 8.48 -15.90 6.51
C ASN A 87 8.78 -17.27 7.12
N ILE A 88 8.23 -17.55 8.30
CA ILE A 88 8.54 -18.77 9.03
C ILE A 88 8.22 -19.99 8.19
N PRO A 89 9.23 -20.76 7.77
CA PRO A 89 9.01 -21.82 6.79
C PRO A 89 8.46 -23.10 7.40
N SER A 90 7.72 -23.82 6.58
CA SER A 90 7.03 -25.04 6.98
C SER A 90 6.71 -25.82 5.71
N VAL A 91 6.16 -27.02 5.89
CA VAL A 91 5.66 -27.82 4.77
C VAL A 91 4.15 -28.01 4.97
N THR A 92 3.41 -27.99 3.87
CA THR A 92 1.97 -28.18 3.87
C THR A 92 1.62 -29.41 3.04
N LEU A 93 0.88 -30.34 3.64
CA LEU A 93 0.39 -31.54 2.96
C LEU A 93 -1.01 -31.22 2.45
N GLY A 94 -1.09 -30.85 1.17
CA GLY A 94 -2.31 -30.30 0.60
C GLY A 94 -3.50 -31.23 0.69
N ARG A 95 -3.48 -32.33 -0.07
CA ARG A 95 -4.53 -33.33 0.04
C ARG A 95 -3.96 -34.72 -0.15
N LEU A 96 -4.61 -35.68 0.51
CA LEU A 96 -4.21 -37.08 0.50
C LEU A 96 -5.46 -37.92 0.24
N ALA A 97 -5.28 -39.02 -0.47
CA ALA A 97 -6.42 -39.85 -0.82
C ALA A 97 -5.94 -41.24 -1.18
N ILE A 98 -6.73 -42.24 -0.78
CA ILE A 98 -6.53 -43.62 -1.20
C ILE A 98 -7.76 -44.07 -1.96
N ASP A 99 -7.55 -45.00 -2.90
CA ASP A 99 -8.66 -45.61 -3.60
C ASP A 99 -9.59 -46.33 -2.62
N ARG A 100 -10.83 -46.54 -3.06
CA ARG A 100 -11.79 -47.26 -2.24
C ARG A 100 -11.40 -48.72 -2.06
N SER A 101 -10.60 -49.27 -2.98
CA SER A 101 -10.13 -50.65 -2.85
C SER A 101 -9.31 -50.83 -1.57
N LEU A 102 -8.37 -49.92 -1.31
CA LEU A 102 -7.40 -50.08 -0.24
C LEU A 102 -7.79 -49.35 1.04
N GLN A 103 -9.04 -48.86 1.13
CA GLN A 103 -9.48 -48.21 2.36
C GLN A 103 -9.45 -49.19 3.52
N GLY A 104 -9.11 -48.70 4.71
CA GLY A 104 -9.12 -49.53 5.88
C GLY A 104 -7.94 -50.46 6.05
N GLN A 105 -6.83 -50.22 5.35
CA GLN A 105 -5.66 -51.08 5.45
C GLN A 105 -4.41 -50.31 5.85
N GLY A 106 -4.57 -49.30 6.72
CA GLY A 106 -3.45 -48.51 7.21
C GLY A 106 -2.77 -47.67 6.16
N TRP A 107 -3.27 -47.65 4.92
CA TRP A 107 -2.52 -47.04 3.83
C TRP A 107 -2.49 -45.52 3.93
N GLY A 108 -3.49 -44.90 4.58
CA GLY A 108 -3.43 -43.47 4.80
C GLY A 108 -2.35 -43.09 5.79
N ALA A 109 -2.20 -43.89 6.85
CA ALA A 109 -1.15 -43.66 7.82
C ALA A 109 0.23 -43.89 7.21
N THR A 110 0.37 -44.87 6.30
CA THR A 110 1.66 -45.09 5.67
C THR A 110 1.97 -44.00 4.65
N LEU A 111 0.97 -43.49 3.95
CA LEU A 111 1.17 -42.32 3.09
C LEU A 111 1.60 -41.11 3.91
N VAL A 112 1.02 -40.96 5.11
CA VAL A 112 1.42 -39.90 6.03
C VAL A 112 2.85 -40.10 6.48
N ALA A 113 3.23 -41.35 6.77
CA ALA A 113 4.61 -41.63 7.15
C ALA A 113 5.57 -41.31 6.01
N HIS A 114 5.16 -41.59 4.77
CA HIS A 114 5.99 -41.29 3.61
C HIS A 114 6.13 -39.77 3.42
N ALA A 115 5.04 -39.04 3.60
CA ALA A 115 5.09 -37.58 3.49
C ALA A 115 5.96 -36.97 4.57
N MET A 116 5.81 -37.42 5.83
CA MET A 116 6.69 -36.97 6.90
C MET A 116 8.13 -37.38 6.64
N ASN A 117 8.34 -38.52 5.97
CA ASN A 117 9.68 -38.93 5.59
C ASN A 117 10.32 -37.93 4.63
N VAL A 118 9.58 -37.57 3.58
CA VAL A 118 10.09 -36.58 2.64
C VAL A 118 10.31 -35.23 3.33
N VAL A 119 9.41 -34.86 4.25
CA VAL A 119 9.56 -33.61 4.99
C VAL A 119 10.83 -33.63 5.83
N TRP A 120 11.12 -34.77 6.46
CA TRP A 120 12.34 -34.92 7.27
C TRP A 120 13.59 -34.77 6.41
N SER A 121 13.64 -35.54 5.31
CA SER A 121 14.80 -35.47 4.42
C SER A 121 14.97 -34.07 3.82
N ALA A 122 13.89 -33.33 3.67
CA ALA A 122 13.99 -31.93 3.27
C ALA A 122 14.50 -31.06 4.41
N SER A 123 14.08 -31.37 5.64
CA SER A 123 14.53 -30.63 6.81
C SER A 123 16.03 -30.69 6.97
N LEU A 124 16.65 -31.78 6.50
CA LEU A 124 18.10 -31.81 6.49
C LEU A 124 18.70 -30.88 5.43
N ALA A 125 17.96 -30.60 4.36
CA ALA A 125 18.48 -29.75 3.28
C ALA A 125 18.10 -28.29 3.44
N VAL A 126 16.93 -27.98 3.99
CA VAL A 126 16.46 -26.62 4.18
C VAL A 126 15.80 -26.52 5.56
N GLY A 127 15.44 -25.30 5.94
CA GLY A 127 14.83 -25.07 7.23
C GLY A 127 13.32 -25.26 7.23
N ILE A 128 12.83 -26.20 8.02
CA ILE A 128 11.40 -26.49 8.10
C ILE A 128 11.03 -26.69 9.56
N HIS A 129 10.07 -25.89 10.06
CA HIS A 129 9.69 -26.00 11.47
C HIS A 129 8.65 -27.09 11.71
N GLY A 130 7.74 -27.30 10.78
CA GLY A 130 6.68 -28.26 11.02
C GLY A 130 5.83 -28.49 9.79
N LEU A 131 4.83 -29.35 9.96
CA LEU A 131 4.00 -29.88 8.90
C LEU A 131 2.55 -29.49 9.18
N PHE A 132 1.97 -28.69 8.30
CA PHE A 132 0.54 -28.41 8.31
C PHE A 132 -0.18 -29.40 7.42
N VAL A 133 -1.36 -29.83 7.85
CA VAL A 133 -2.26 -30.63 7.03
C VAL A 133 -3.63 -29.99 7.07
N GLU A 134 -4.40 -30.18 6.01
CA GLU A 134 -5.76 -29.68 5.94
C GLU A 134 -6.74 -30.85 6.07
N ALA A 135 -7.85 -30.61 6.77
CA ALA A 135 -8.88 -31.63 7.00
C ALA A 135 -10.24 -31.02 6.71
N LEU A 136 -10.84 -31.44 5.59
CA LEU A 136 -12.04 -30.79 5.08
C LEU A 136 -13.31 -31.15 5.84
N ASN A 137 -13.30 -32.23 6.62
CA ASN A 137 -14.53 -32.70 7.26
C ASN A 137 -14.16 -33.34 8.60
N GLU A 138 -15.16 -33.94 9.24
CA GLU A 138 -14.96 -34.54 10.56
C GLU A 138 -14.02 -35.74 10.50
N LYS A 139 -14.15 -36.56 9.44
CA LYS A 139 -13.42 -37.81 9.39
C LYS A 139 -11.94 -37.61 9.08
N ALA A 140 -11.61 -36.73 8.12
CA ALA A 140 -10.20 -36.40 7.90
C ALA A 140 -9.61 -35.75 9.14
N HIS A 141 -10.40 -34.96 9.84
CA HIS A 141 -9.95 -34.33 11.08
C HIS A 141 -9.56 -35.36 12.11
N THR A 142 -10.46 -36.33 12.37
CA THR A 142 -10.16 -37.39 13.33
C THR A 142 -8.98 -38.24 12.89
N PHE A 143 -8.93 -38.57 11.58
CA PHE A 143 -7.79 -39.30 11.03
C PHE A 143 -6.47 -38.61 11.36
N TYR A 144 -6.38 -37.31 11.03
CA TYR A 144 -5.12 -36.61 11.24
C TYR A 144 -4.81 -36.45 12.72
N LYS A 145 -5.82 -36.23 13.56
CA LYS A 145 -5.54 -36.08 14.98
C LYS A 145 -5.07 -37.38 15.60
N SER A 146 -5.50 -38.53 15.07
CA SER A 146 -5.05 -39.81 15.61
C SER A 146 -3.61 -40.15 15.24
N LEU A 147 -2.94 -39.31 14.47
CA LEU A 147 -1.57 -39.55 14.03
C LEU A 147 -0.55 -38.63 14.71
N GLY A 148 -0.99 -37.84 15.68
CA GLY A 148 -0.12 -36.93 16.41
C GLY A 148 -0.37 -35.46 16.13
N PHE A 149 -1.15 -35.15 15.10
CA PHE A 149 -1.35 -33.77 14.69
C PHE A 149 -2.23 -33.02 15.68
N ILE A 150 -1.91 -31.75 15.88
CA ILE A 150 -2.59 -30.89 16.85
C ILE A 150 -3.64 -30.06 16.11
N PRO A 151 -4.87 -29.98 16.60
CA PRO A 151 -5.89 -29.18 15.90
C PRO A 151 -5.76 -27.70 16.23
N LEU A 152 -5.93 -26.88 15.20
CA LEU A 152 -6.09 -25.44 15.37
C LEU A 152 -7.58 -25.11 15.37
N VAL A 153 -7.95 -24.08 16.13
CA VAL A 153 -9.37 -23.74 16.30
C VAL A 153 -9.58 -22.26 15.98
N GLY A 154 -10.61 -21.99 15.18
CA GLY A 154 -11.05 -20.63 14.90
C GLY A 154 -10.42 -20.10 13.64
N GLU A 155 -11.20 -20.07 12.54
CA GLU A 155 -10.78 -19.57 11.23
C GLU A 155 -9.44 -20.19 10.80
N ASN A 156 -8.98 -21.19 11.57
CA ASN A 156 -7.89 -22.08 11.22
C ASN A 156 -8.27 -23.52 11.55
N GLU A 157 -9.58 -23.79 11.66
CA GLU A 157 -10.04 -25.07 12.20
C GLU A 157 -9.58 -26.24 11.34
N ASN A 158 -9.84 -26.17 10.04
CA ASN A 158 -9.46 -27.24 9.12
C ASN A 158 -7.97 -27.17 8.79
N ALA A 159 -7.17 -27.25 9.85
CA ALA A 159 -5.72 -27.14 9.73
C ALA A 159 -5.09 -27.71 11.00
N LEU A 160 -4.23 -28.71 10.84
CA LEU A 160 -3.59 -29.37 11.97
C LEU A 160 -2.08 -29.31 11.78
N PHE A 161 -1.35 -29.40 12.90
CA PHE A 161 0.09 -29.17 12.89
C PHE A 161 0.83 -30.33 13.54
N PHE A 162 2.02 -30.62 13.02
CA PHE A 162 2.91 -31.64 13.56
C PHE A 162 4.35 -31.16 13.44
N PRO A 163 5.03 -30.88 14.55
CA PRO A 163 6.37 -30.28 14.45
C PRO A 163 7.40 -31.27 13.92
N THR A 164 8.36 -30.72 13.15
CA THR A 164 9.41 -31.54 12.55
C THR A 164 10.26 -32.26 13.59
N LYS A 165 10.31 -31.75 14.82
CA LYS A 165 11.03 -32.42 15.89
C LYS A 165 10.44 -33.81 16.14
N SER A 166 9.11 -33.90 16.23
CA SER A 166 8.48 -35.21 16.41
C SER A 166 8.59 -36.08 15.17
N ILE A 167 8.76 -35.48 13.99
CA ILE A 167 9.03 -36.27 12.79
C ILE A 167 10.41 -36.92 12.90
N GLU A 168 11.43 -36.12 13.27
CA GLU A 168 12.73 -36.67 13.61
C GLU A 168 12.61 -37.79 14.64
N LEU A 169 11.72 -37.62 15.61
CA LEU A 169 11.51 -38.65 16.61
C LEU A 169 10.93 -39.92 16.02
N LEU A 170 9.95 -39.78 15.12
CA LEU A 170 9.30 -40.96 14.53
C LEU A 170 10.31 -41.87 13.83
N PHE A 171 11.40 -41.31 13.32
CA PHE A 171 12.49 -42.07 12.73
C PHE A 171 13.71 -42.11 13.65
N THR A 172 13.45 -42.16 14.96
CA THR A 172 14.43 -42.14 16.06
C THR A 172 15.90 -41.96 15.67
N MET B 1 -0.76 56.83 7.81
CA MET B 1 -1.51 56.60 6.58
C MET B 1 -2.94 56.22 6.88
N ASP B 2 -3.87 57.14 6.68
CA ASP B 2 -5.28 56.86 6.87
C ASP B 2 -5.91 56.19 5.65
N ASP B 3 -5.10 55.67 4.73
CA ASP B 3 -5.59 55.25 3.42
C ASP B 3 -5.13 53.83 3.07
N LEU B 4 -4.86 52.98 4.06
CA LEU B 4 -4.44 51.62 3.80
C LEU B 4 -5.62 50.66 3.90
N THR B 5 -5.60 49.65 3.03
CA THR B 5 -6.68 48.67 2.88
C THR B 5 -6.09 47.28 2.69
N ILE B 6 -6.97 46.28 2.77
CA ILE B 6 -6.63 44.88 2.57
C ILE B 6 -7.39 44.37 1.35
N GLU B 7 -6.69 43.66 0.47
CA GLU B 7 -7.28 43.17 -0.77
C GLU B 7 -6.74 41.80 -1.13
N ILE B 8 -7.52 41.05 -1.91
CA ILE B 8 -6.98 39.88 -2.58
C ILE B 8 -5.87 40.34 -3.51
N LEU B 9 -4.80 39.56 -3.61
CA LEU B 9 -3.82 39.83 -4.64
C LEU B 9 -4.51 39.85 -5.99
N THR B 10 -4.49 41.01 -6.65
CA THR B 10 -5.27 41.24 -7.86
C THR B 10 -4.63 40.66 -9.11
N ASP B 11 -3.65 39.76 -8.95
CA ASP B 11 -2.95 39.12 -10.06
C ASP B 11 -2.33 40.14 -11.01
N ASP B 12 -2.08 41.36 -10.50
CA ASP B 12 -1.31 42.34 -11.26
C ASP B 12 0.18 42.10 -11.13
N ALA B 13 0.61 41.48 -10.04
CA ALA B 13 2.03 41.43 -9.66
C ALA B 13 2.64 42.82 -9.68
N ASP B 14 1.84 43.83 -9.33
CA ASP B 14 2.18 45.24 -9.41
C ASP B 14 2.33 45.86 -8.03
N TYR B 15 2.98 45.13 -7.13
CA TYR B 15 3.16 45.56 -5.74
C TYR B 15 4.64 45.81 -5.46
N ASP B 16 4.89 46.80 -4.58
CA ASP B 16 6.24 47.06 -4.10
C ASP B 16 6.64 45.98 -3.12
N LEU B 17 7.18 44.88 -3.63
CA LEU B 17 7.41 43.69 -2.83
C LEU B 17 8.71 43.73 -2.03
N GLN B 18 9.61 44.67 -2.32
CA GLN B 18 10.98 44.60 -1.83
C GLN B 18 11.26 45.48 -0.63
N ARG B 19 10.65 46.67 -0.54
CA ARG B 19 10.86 47.49 0.64
C ARG B 19 10.17 46.93 1.88
N PHE B 20 9.49 45.80 1.75
CA PHE B 20 8.89 45.13 2.89
C PHE B 20 9.96 44.49 3.77
N ASP B 21 9.78 44.62 5.09
CA ASP B 21 10.63 43.92 6.06
C ASP B 21 9.84 43.81 7.36
N CYS B 22 9.66 42.58 7.84
CA CYS B 22 8.81 42.34 9.00
C CYS B 22 9.57 41.79 10.19
N GLY B 23 10.87 41.52 10.07
CA GLY B 23 11.68 41.01 11.15
C GLY B 23 12.26 39.63 10.88
N GLU B 24 11.58 38.82 10.07
CA GLU B 24 11.97 37.44 9.84
C GLU B 24 12.33 37.27 8.37
N GLU B 25 13.57 36.85 8.11
CA GLU B 25 14.03 36.65 6.74
C GLU B 25 13.20 35.58 6.04
N ALA B 26 12.64 34.62 6.80
CA ALA B 26 11.85 33.55 6.21
C ALA B 26 10.58 34.08 5.57
N LEU B 27 9.81 34.88 6.30
CA LEU B 27 8.56 35.39 5.77
C LEU B 27 8.80 36.44 4.69
N ASN B 28 9.83 37.27 4.86
CA ASN B 28 10.24 38.21 3.80
C ASN B 28 10.52 37.45 2.50
N LEU B 29 11.35 36.41 2.58
CA LEU B 29 11.71 35.65 1.39
C LEU B 29 10.50 34.92 0.81
N PHE B 30 9.62 34.41 1.67
CA PHE B 30 8.41 33.77 1.15
C PHE B 30 7.57 34.76 0.37
N LEU B 31 7.39 35.98 0.90
CA LEU B 31 6.61 36.98 0.19
C LEU B 31 7.24 37.33 -1.15
N THR B 32 8.56 37.50 -1.16
CA THR B 32 9.21 38.03 -2.37
C THR B 32 9.48 36.98 -3.45
N THR B 33 9.64 35.70 -3.08
CA THR B 33 9.99 34.69 -4.06
C THR B 33 8.91 33.65 -4.33
N HIS B 34 7.88 33.56 -3.48
CA HIS B 34 6.84 32.55 -3.64
C HIS B 34 5.45 33.13 -3.81
N LEU B 35 5.05 34.07 -2.94
CA LEU B 35 3.64 34.35 -2.68
C LEU B 35 2.85 34.61 -3.96
N VAL B 36 3.45 35.36 -4.89
CA VAL B 36 2.77 35.64 -6.17
C VAL B 36 2.52 34.34 -6.93
N ARG B 37 3.54 33.48 -7.03
CA ARG B 37 3.41 32.25 -7.80
C ARG B 37 2.49 31.25 -7.10
N GLN B 38 2.61 31.12 -5.78
CA GLN B 38 1.74 30.18 -5.08
C GLN B 38 0.30 30.69 -5.05
N HIS B 39 0.09 32.00 -5.15
CA HIS B 39 -1.25 32.53 -5.34
C HIS B 39 -1.75 32.23 -6.76
N ARG B 40 -0.85 32.28 -7.74
CA ARG B 40 -1.23 32.03 -9.12
C ARG B 40 -1.35 30.55 -9.46
N ASN B 41 -0.75 29.67 -8.65
CA ASN B 41 -0.94 28.23 -8.80
C ASN B 41 -2.03 27.68 -7.90
N LYS B 42 -2.86 28.56 -7.35
CA LYS B 42 -4.06 28.22 -6.58
C LYS B 42 -3.77 27.38 -5.35
N ILE B 43 -2.51 27.34 -4.88
CA ILE B 43 -2.25 26.66 -3.61
C ILE B 43 -2.64 27.52 -2.43
N LEU B 44 -2.72 28.84 -2.60
CA LEU B 44 -3.12 29.76 -1.54
C LEU B 44 -3.82 30.96 -2.17
N ARG B 45 -4.65 31.62 -1.35
CA ARG B 45 -5.15 32.94 -1.67
C ARG B 45 -4.46 33.93 -0.75
N ALA B 46 -3.83 34.94 -1.33
CA ALA B 46 -3.02 35.89 -0.59
C ALA B 46 -3.72 37.23 -0.51
N TYR B 47 -3.76 37.81 0.69
CA TYR B 47 -4.35 39.12 0.92
C TYR B 47 -3.28 40.09 1.40
N ILE B 48 -3.27 41.26 0.79
CA ILE B 48 -2.24 42.27 0.96
C ILE B 48 -2.83 43.44 1.73
N LEU B 49 -2.10 43.91 2.75
CA LEU B 49 -2.38 45.16 3.42
C LEU B 49 -1.39 46.19 2.85
N CYS B 50 -1.92 47.15 2.10
CA CYS B 50 -1.11 48.17 1.44
C CYS B 50 -1.88 49.48 1.46
N ARG B 51 -1.33 50.50 0.80
CA ARG B 51 -1.99 51.80 0.70
C ARG B 51 -2.19 52.17 -0.76
N ASN B 52 -3.10 53.12 -1.00
CA ASN B 52 -3.54 53.47 -2.34
C ASN B 52 -2.51 54.37 -3.03
N THR B 53 -1.28 53.87 -3.07
CA THR B 53 -0.15 54.58 -3.68
C THR B 53 -0.07 54.22 -5.15
N PRO B 54 0.79 54.91 -5.90
CA PRO B 54 1.06 54.49 -7.30
C PRO B 54 1.34 53.01 -7.45
N GLU B 55 2.03 52.38 -6.49
CA GLU B 55 2.44 51.00 -6.62
C GLU B 55 2.05 50.13 -5.42
N ARG B 56 1.15 50.61 -4.55
CA ARG B 56 0.58 49.79 -3.48
C ARG B 56 1.67 49.19 -2.59
N GLN B 57 2.35 50.09 -1.88
CA GLN B 57 3.42 49.70 -0.96
C GLN B 57 2.96 48.59 -0.03
N VAL B 58 3.57 47.42 -0.18
CA VAL B 58 3.20 46.27 0.65
C VAL B 58 3.64 46.53 2.09
N LEU B 59 2.69 46.46 3.02
CA LEU B 59 2.99 46.59 4.44
C LEU B 59 2.54 45.39 5.25
N GLY B 60 1.73 44.50 4.70
CA GLY B 60 1.39 43.27 5.38
C GLY B 60 0.77 42.28 4.42
N TYR B 61 0.67 41.03 4.87
CA TYR B 61 -0.01 40.03 4.08
C TYR B 61 -0.43 38.87 4.96
N TYR B 62 -1.38 38.09 4.45
CA TYR B 62 -1.70 36.78 5.02
C TYR B 62 -2.14 35.86 3.88
N THR B 63 -2.09 34.56 4.15
CA THR B 63 -2.48 33.57 3.16
C THR B 63 -3.51 32.62 3.76
N LEU B 64 -4.44 32.18 2.91
CA LEU B 64 -5.46 31.21 3.30
C LEU B 64 -5.42 30.03 2.34
N CYS B 65 -5.61 28.82 2.88
CA CYS B 65 -5.70 27.63 2.06
C CYS B 65 -6.66 26.64 2.69
N GLY B 66 -7.29 25.81 1.86
CA GLY B 66 -8.19 24.79 2.37
C GLY B 66 -7.42 23.58 2.89
N SER B 67 -7.90 23.03 4.00
CA SER B 67 -7.24 21.89 4.64
C SER B 67 -8.29 20.90 5.13
N CYS B 68 -7.82 19.76 5.62
CA CYS B 68 -8.66 18.77 6.27
C CYS B 68 -7.96 18.33 7.54
N PHE B 69 -8.73 17.88 8.51
CA PHE B 69 -8.14 17.30 9.72
C PHE B 69 -8.56 15.85 9.87
N GLU B 70 -7.67 15.05 10.46
CA GLU B 70 -7.77 13.61 10.45
C GLU B 70 -7.34 13.02 11.78
N ARG B 71 -7.49 11.71 11.90
CA ARG B 71 -6.91 10.90 12.97
C ARG B 71 -7.12 11.48 14.36
N ASN B 87 -12.51 12.75 4.79
CA ASN B 87 -11.97 14.10 4.87
C ASN B 87 -12.90 15.04 5.62
N ILE B 88 -12.34 15.83 6.53
CA ILE B 88 -13.11 16.77 7.33
C ILE B 88 -12.57 18.17 7.04
N PRO B 89 -13.39 19.06 6.49
CA PRO B 89 -12.87 20.30 5.89
C PRO B 89 -12.63 21.41 6.90
N SER B 90 -11.69 22.28 6.55
CA SER B 90 -11.32 23.42 7.37
C SER B 90 -10.49 24.36 6.50
N VAL B 91 -10.04 25.47 7.08
CA VAL B 91 -9.12 26.38 6.44
C VAL B 91 -7.90 26.51 7.33
N THR B 92 -6.77 26.88 6.72
CA THR B 92 -5.57 27.23 7.47
C THR B 92 -5.09 28.60 7.02
N LEU B 93 -4.89 29.47 8.02
CA LEU B 93 -4.07 30.66 7.89
C LEU B 93 -2.62 30.22 8.06
N GLY B 94 -1.94 30.03 6.94
CA GLY B 94 -0.57 29.59 6.94
C GLY B 94 0.36 30.67 7.41
N ARG B 95 0.51 31.73 6.63
CA ARG B 95 1.44 32.80 6.92
C ARG B 95 0.71 34.13 7.06
N LEU B 96 1.27 35.01 7.89
CA LEU B 96 0.72 36.34 8.16
C LEU B 96 1.82 37.19 8.74
N ALA B 97 2.19 38.26 8.04
CA ALA B 97 3.27 39.13 8.50
C ALA B 97 2.90 40.58 8.25
N ILE B 98 3.59 41.46 8.97
CA ILE B 98 3.32 42.89 8.95
C ILE B 98 4.62 43.63 9.21
N ASP B 99 4.80 44.75 8.51
CA ASP B 99 6.05 45.49 8.55
C ASP B 99 6.38 45.95 9.97
N ARG B 100 7.68 46.17 10.22
CA ARG B 100 8.14 46.55 11.54
C ARG B 100 7.54 47.87 12.01
N SER B 101 7.30 48.80 11.10
CA SER B 101 6.79 50.11 11.49
C SER B 101 5.38 50.02 12.04
N LEU B 102 4.56 49.10 11.53
CA LEU B 102 3.18 48.96 11.94
C LEU B 102 3.00 48.03 13.14
N GLN B 103 4.07 47.43 13.64
CA GLN B 103 3.96 46.43 14.69
C GLN B 103 3.60 47.09 16.02
N GLY B 104 3.13 46.27 16.96
CA GLY B 104 2.77 46.75 18.27
C GLY B 104 1.48 47.53 18.35
N GLN B 105 0.75 47.67 17.24
CA GLN B 105 -0.41 48.54 17.15
C GLN B 105 -1.65 47.79 16.69
N GLY B 106 -1.79 46.53 17.11
CA GLY B 106 -2.99 45.77 16.83
C GLY B 106 -3.32 45.60 15.37
N TRP B 107 -2.31 45.59 14.49
CA TRP B 107 -2.55 45.38 13.07
C TRP B 107 -2.53 43.90 12.70
N GLY B 108 -1.74 43.09 13.41
CA GLY B 108 -1.85 41.65 13.24
C GLY B 108 -3.18 41.12 13.71
N ALA B 109 -3.72 41.67 14.79
CA ALA B 109 -5.07 41.32 15.22
C ALA B 109 -6.09 41.73 14.16
N THR B 110 -5.88 42.88 13.51
CA THR B 110 -6.80 43.31 12.47
C THR B 110 -6.73 42.40 11.24
N LEU B 111 -5.53 41.94 10.90
CA LEU B 111 -5.41 41.03 9.76
C LEU B 111 -5.93 39.64 10.09
N VAL B 112 -5.78 39.19 11.34
CA VAL B 112 -6.41 37.94 11.74
C VAL B 112 -7.93 38.09 11.72
N ALA B 113 -8.46 39.25 12.13
CA ALA B 113 -9.89 39.46 12.06
C ALA B 113 -10.39 39.46 10.61
N HIS B 114 -9.62 40.06 9.70
CA HIS B 114 -10.00 40.05 8.29
C HIS B 114 -9.95 38.64 7.71
N ALA B 115 -8.91 37.87 8.04
CA ALA B 115 -8.84 36.48 7.58
C ALA B 115 -9.99 35.66 8.14
N MET B 116 -10.34 35.89 9.40
CA MET B 116 -11.49 35.23 10.00
C MET B 116 -12.78 35.61 9.28
N ASN B 117 -12.91 36.88 8.89
CA ASN B 117 -14.09 37.30 8.14
C ASN B 117 -14.17 36.63 6.79
N VAL B 118 -13.03 36.48 6.11
CA VAL B 118 -13.00 35.76 4.83
C VAL B 118 -13.41 34.31 5.04
N VAL B 119 -12.83 33.66 6.05
CA VAL B 119 -13.18 32.27 6.36
C VAL B 119 -14.67 32.15 6.68
N TRP B 120 -15.22 33.14 7.38
CA TRP B 120 -16.62 33.09 7.77
C TRP B 120 -17.54 33.24 6.56
N SER B 121 -17.24 34.21 5.70
CA SER B 121 -18.02 34.35 4.47
C SER B 121 -17.80 33.17 3.53
N ALA B 122 -16.75 32.38 3.73
CA ALA B 122 -16.65 31.10 3.03
C ALA B 122 -17.54 30.04 3.66
N SER B 123 -17.58 29.99 4.99
CA SER B 123 -18.34 28.97 5.71
C SER B 123 -19.84 29.02 5.42
N LEU B 124 -20.33 30.09 4.80
CA LEU B 124 -21.72 30.18 4.40
C LEU B 124 -21.99 29.53 3.05
N ALA B 125 -20.95 29.39 2.21
CA ALA B 125 -21.06 28.72 0.93
C ALA B 125 -20.52 27.30 0.98
N VAL B 126 -19.45 27.05 1.72
CA VAL B 126 -18.84 25.73 1.86
C VAL B 126 -18.87 25.33 3.32
N GLY B 127 -19.00 24.04 3.57
CA GLY B 127 -18.83 23.54 4.92
C GLY B 127 -17.42 23.77 5.39
N ILE B 128 -17.28 24.46 6.53
CA ILE B 128 -15.98 24.70 7.14
C ILE B 128 -16.14 24.52 8.64
N HIS B 129 -15.38 23.60 9.22
CA HIS B 129 -15.47 23.36 10.66
C HIS B 129 -14.61 24.31 11.47
N GLY B 130 -13.52 24.80 10.91
CA GLY B 130 -12.73 25.76 11.64
C GLY B 130 -11.50 26.18 10.88
N LEU B 131 -10.62 26.88 11.60
CA LEU B 131 -9.43 27.53 11.04
C LEU B 131 -8.20 27.14 11.86
N PHE B 132 -7.34 26.33 11.28
CA PHE B 132 -6.02 26.10 11.81
C PHE B 132 -5.13 27.26 11.40
N VAL B 133 -4.06 27.46 12.17
CA VAL B 133 -3.15 28.58 11.99
C VAL B 133 -1.74 28.12 12.29
N GLU B 134 -0.79 28.55 11.47
CA GLU B 134 0.61 28.16 11.61
C GLU B 134 1.37 29.21 12.40
N ALA B 135 2.13 28.76 13.40
CA ALA B 135 2.83 29.65 14.32
C ALA B 135 4.30 29.23 14.38
N LEU B 136 5.20 30.10 13.89
CA LEU B 136 6.61 29.73 13.76
C LEU B 136 7.33 29.71 15.10
N ASN B 137 7.44 30.86 15.76
CA ASN B 137 8.12 30.96 17.03
C ASN B 137 7.10 31.02 18.16
N GLU B 138 7.60 31.06 19.39
CA GLU B 138 6.73 31.27 20.53
C GLU B 138 6.12 32.66 20.53
N LYS B 139 6.76 33.61 19.82
CA LYS B 139 6.15 34.91 19.58
C LYS B 139 4.79 34.75 18.90
N ALA B 140 4.78 34.09 17.74
CA ALA B 140 3.54 33.87 17.01
C ALA B 140 2.59 32.96 17.78
N HIS B 141 3.11 32.03 18.56
CA HIS B 141 2.23 31.15 19.34
C HIS B 141 1.48 31.94 20.41
N THR B 142 2.20 32.75 21.19
CA THR B 142 1.56 33.64 22.16
C THR B 142 0.57 34.57 21.46
N PHE B 143 0.98 35.12 20.31
CA PHE B 143 0.13 36.05 19.57
C PHE B 143 -1.20 35.41 19.17
N TYR B 144 -1.14 34.25 18.51
CA TYR B 144 -2.35 33.55 18.10
C TYR B 144 -3.18 33.12 19.30
N LYS B 145 -2.53 32.50 20.29
CA LYS B 145 -3.17 32.15 21.56
C LYS B 145 -3.91 33.33 22.18
N SER B 146 -3.46 34.56 21.91
CA SER B 146 -4.10 35.73 22.50
C SER B 146 -5.36 36.16 21.77
N LEU B 147 -5.59 35.69 20.54
CA LEU B 147 -6.77 36.06 19.78
C LEU B 147 -7.91 35.06 19.93
N GLY B 148 -7.66 33.91 20.54
CA GLY B 148 -8.70 32.92 20.77
C GLY B 148 -8.28 31.51 20.43
N PHE B 149 -7.22 31.39 19.64
CA PHE B 149 -6.84 30.10 19.07
C PHE B 149 -6.48 29.09 20.16
N ILE B 150 -6.88 27.84 19.93
CA ILE B 150 -6.63 26.74 20.85
C ILE B 150 -5.23 26.20 20.60
N PRO B 151 -4.35 26.23 21.61
CA PRO B 151 -3.01 25.64 21.44
C PRO B 151 -3.11 24.13 21.31
N LEU B 152 -2.53 23.60 20.22
CA LEU B 152 -2.49 22.17 20.02
C LEU B 152 -1.20 21.60 20.63
N VAL B 153 -1.15 20.27 20.72
CA VAL B 153 -0.13 19.57 21.49
C VAL B 153 0.66 18.63 20.58
N GLY B 154 1.76 18.12 21.12
CA GLY B 154 2.46 17.03 20.46
C GLY B 154 3.09 17.44 19.14
N GLU B 155 2.90 16.59 18.13
CA GLU B 155 3.37 16.90 16.79
C GLU B 155 2.72 18.17 16.23
N ASN B 156 1.63 18.62 16.82
CA ASN B 156 0.90 19.80 16.36
C ASN B 156 1.12 21.01 17.26
N GLU B 157 2.11 20.96 18.16
CA GLU B 157 2.35 22.06 19.08
C GLU B 157 2.52 23.39 18.35
N ASN B 158 3.04 23.35 17.12
CA ASN B 158 3.25 24.55 16.31
C ASN B 158 2.04 24.88 15.43
N ALA B 159 0.85 24.45 15.83
CA ALA B 159 -0.38 24.80 15.12
C ALA B 159 -1.44 25.17 16.15
N LEU B 160 -2.43 25.96 15.71
CA LEU B 160 -3.55 26.31 16.57
C LEU B 160 -4.84 26.22 15.78
N PHE B 161 -5.97 26.28 16.49
CA PHE B 161 -7.28 26.10 15.86
C PHE B 161 -8.29 27.04 16.49
N PHE B 162 -9.21 27.53 15.66
CA PHE B 162 -10.31 28.38 16.08
C PHE B 162 -11.58 27.88 15.39
N PRO B 163 -12.61 27.48 16.13
CA PRO B 163 -13.82 26.98 15.46
C PRO B 163 -14.52 28.06 14.65
N THR B 164 -15.22 27.63 13.60
CA THR B 164 -16.01 28.54 12.79
C THR B 164 -17.14 29.17 13.61
N LYS B 165 -17.66 28.42 14.59
CA LYS B 165 -18.75 28.94 15.42
C LYS B 165 -18.30 30.17 16.20
N SER B 166 -17.04 30.18 16.64
CA SER B 166 -16.51 31.34 17.34
C SER B 166 -16.30 32.52 16.40
N ILE B 167 -15.77 32.25 15.20
CA ILE B 167 -15.65 33.31 14.20
C ILE B 167 -17.01 33.92 13.91
N GLU B 168 -18.07 33.10 13.96
CA GLU B 168 -19.42 33.61 13.73
C GLU B 168 -19.91 34.43 14.92
N LEU B 169 -19.72 33.94 16.14
CA LEU B 169 -20.07 34.71 17.33
C LEU B 169 -19.38 36.06 17.35
N LEU B 170 -18.16 36.13 16.79
CA LEU B 170 -17.46 37.41 16.67
C LEU B 170 -18.32 38.44 15.96
N PHE B 171 -18.89 38.08 14.82
CA PHE B 171 -19.68 39.03 14.02
C PHE B 171 -21.16 38.92 14.36
N THR B 172 -21.47 39.16 15.64
CA THR B 172 -22.86 39.32 16.08
C THR B 172 -22.97 40.47 17.07
N LYS C 1 10.20 -11.47 -25.27
CA LYS C 1 10.66 -12.83 -25.00
C LYS C 1 9.55 -13.85 -25.29
N GLN C 2 8.32 -13.48 -24.94
CA GLN C 2 7.18 -14.38 -25.10
C GLN C 2 6.04 -13.63 -25.79
N ARG C 3 4.85 -14.23 -25.83
CA ARG C 3 3.67 -13.53 -26.31
C ARG C 3 2.41 -14.21 -25.81
N ILE C 4 1.41 -13.40 -25.47
CA ILE C 4 0.06 -13.85 -25.16
C ILE C 4 -0.91 -12.97 -25.93
N ASP C 5 -1.91 -13.59 -26.56
CA ASP C 5 -2.93 -12.86 -27.31
C ASP C 5 -4.23 -12.92 -26.53
N LEU C 6 -4.68 -11.75 -26.07
CA LEU C 6 -5.92 -11.63 -25.31
C LEU C 6 -7.01 -11.05 -26.20
N ARG C 7 -8.03 -11.84 -26.48
CA ARG C 7 -9.22 -11.35 -27.15
C ARG C 7 -10.13 -10.70 -26.12
N LEU C 8 -10.52 -9.44 -26.38
CA LEU C 8 -11.07 -8.58 -25.35
C LEU C 8 -12.40 -7.99 -25.81
N THR C 9 -13.39 -8.07 -24.94
CA THR C 9 -14.67 -7.41 -25.18
C THR C 9 -14.46 -5.91 -25.29
N ASP C 10 -15.44 -5.23 -25.90
CA ASP C 10 -15.27 -3.82 -26.23
C ASP C 10 -15.46 -2.92 -25.00
N ASP C 11 -16.42 -3.24 -24.14
CA ASP C 11 -16.61 -2.46 -22.93
C ASP C 11 -15.36 -2.52 -22.05
N ASP C 12 -14.84 -3.73 -21.82
CA ASP C 12 -13.61 -3.89 -21.07
C ASP C 12 -12.44 -3.17 -21.73
N LYS C 13 -12.43 -3.05 -23.06
CA LYS C 13 -11.34 -2.36 -23.72
C LYS C 13 -11.43 -0.86 -23.51
N SER C 14 -12.62 -0.28 -23.65
CA SER C 14 -12.82 1.12 -23.32
C SER C 14 -12.41 1.40 -21.88
N MET C 15 -12.75 0.50 -20.97
CA MET C 15 -12.42 0.70 -19.55
C MET C 15 -10.91 0.63 -19.33
N ILE C 16 -10.24 -0.34 -19.94
CA ILE C 16 -8.80 -0.49 -19.76
C ILE C 16 -8.05 0.66 -20.42
N GLU C 17 -8.55 1.17 -21.54
CA GLU C 17 -7.94 2.35 -22.13
C GLU C 17 -8.09 3.55 -21.22
N GLU C 18 -9.28 3.74 -20.64
CA GLU C 18 -9.48 4.80 -19.66
C GLU C 18 -8.47 4.70 -18.52
N ALA C 19 -8.31 3.50 -17.95
CA ALA C 19 -7.45 3.35 -16.79
C ALA C 19 -5.97 3.45 -17.17
N ALA C 20 -5.59 2.97 -18.36
CA ALA C 20 -4.20 3.05 -18.79
C ALA C 20 -3.82 4.48 -19.14
N ALA C 21 -4.79 5.30 -19.54
CA ALA C 21 -4.54 6.72 -19.71
C ALA C 21 -4.51 7.45 -18.38
N ILE C 22 -5.23 6.93 -17.37
CA ILE C 22 -5.18 7.53 -16.03
C ILE C 22 -3.78 7.37 -15.43
N SER C 23 -3.09 6.26 -15.72
CA SER C 23 -1.74 5.99 -15.24
C SER C 23 -0.67 6.32 -16.27
N ASN C 24 -1.05 6.96 -17.38
CA ASN C 24 -0.17 7.27 -18.52
C ASN C 24 0.79 6.11 -18.84
N GLN C 25 0.21 4.93 -18.97
CA GLN C 25 0.86 3.77 -19.58
C GLN C 25 0.12 3.45 -20.87
N SER C 26 0.58 2.42 -21.56
CA SER C 26 -0.18 1.89 -22.67
C SER C 26 -1.18 0.86 -22.17
N VAL C 27 -2.09 0.44 -23.06
CA VAL C 27 -2.99 -0.66 -22.73
C VAL C 27 -2.19 -1.92 -22.45
N SER C 28 -1.15 -2.16 -23.25
CA SER C 28 -0.29 -3.33 -23.05
C SER C 28 0.43 -3.25 -21.71
N GLN C 29 1.07 -2.12 -21.44
CA GLN C 29 1.78 -1.93 -20.17
C GLN C 29 0.84 -2.10 -18.99
N PHE C 30 -0.34 -1.47 -19.05
CA PHE C 30 -1.30 -1.57 -17.95
C PHE C 30 -1.73 -3.01 -17.72
N MET C 31 -2.14 -3.70 -18.78
CA MET C 31 -2.61 -5.07 -18.64
C MET C 31 -1.53 -5.98 -18.08
N LEU C 32 -0.31 -5.87 -18.60
CA LEU C 32 0.74 -6.77 -18.15
C LEU C 32 1.15 -6.48 -16.71
N ASN C 33 1.24 -5.20 -16.34
CA ASN C 33 1.63 -4.86 -14.97
C ASN C 33 0.56 -5.29 -13.98
N SER C 34 -0.72 -5.10 -14.34
CA SER C 34 -1.81 -5.59 -13.49
C SER C 34 -1.72 -7.10 -13.32
N ALA C 35 -1.51 -7.83 -14.43
CA ALA C 35 -1.39 -9.28 -14.35
C ALA C 35 -0.27 -9.69 -13.43
N SER C 36 0.92 -9.09 -13.59
CA SER C 36 2.08 -9.46 -12.78
C SER C 36 1.86 -9.18 -11.30
N GLN C 37 1.34 -8.00 -10.97
CA GLN C 37 1.17 -7.65 -9.56
C GLN C 37 0.11 -8.52 -8.89
N ARG C 38 -1.03 -8.73 -9.57
CA ARG C 38 -2.06 -9.58 -8.99
C ARG C 38 -1.59 -11.03 -8.89
N ALA C 39 -0.75 -11.48 -9.83
CA ALA C 39 -0.19 -12.82 -9.74
C ALA C 39 0.70 -12.95 -8.50
N ALA C 40 1.61 -11.99 -8.32
CA ALA C 40 2.47 -11.97 -7.15
C ALA C 40 1.65 -12.06 -5.87
N GLU C 41 0.58 -11.26 -5.76
CA GLU C 41 -0.11 -11.25 -4.48
C GLU C 41 -1.06 -12.43 -4.31
N VAL C 42 -1.62 -12.99 -5.40
CA VAL C 42 -2.37 -14.24 -5.29
C VAL C 42 -1.47 -15.37 -4.79
N ILE C 43 -0.23 -15.44 -5.30
CA ILE C 43 0.67 -16.50 -4.88
C ILE C 43 1.10 -16.30 -3.43
N GLU C 44 1.47 -15.06 -3.08
CA GLU C 44 1.79 -14.76 -1.68
C GLU C 44 0.64 -15.11 -0.75
N GLN C 45 -0.60 -14.91 -1.21
CA GLN C 45 -1.75 -15.22 -0.37
C GLN C 45 -2.02 -16.71 -0.28
N HIS C 46 -1.71 -17.47 -1.34
CA HIS C 46 -1.85 -18.92 -1.25
C HIS C 46 -0.85 -19.51 -0.28
N ARG C 47 0.42 -19.12 -0.38
CA ARG C 47 1.47 -19.85 0.33
C ARG C 47 1.41 -19.67 1.83
N ARG C 48 0.90 -18.55 2.32
CA ARG C 48 0.99 -18.22 3.74
C ARG C 48 -0.20 -18.75 4.53
N VAL C 49 0.04 -19.00 5.81
CA VAL C 49 -0.97 -19.53 6.74
C VAL C 49 -0.97 -18.63 7.96
N ILE C 50 -1.89 -17.67 7.99
CA ILE C 50 -1.99 -16.74 9.11
C ILE C 50 -2.72 -17.41 10.26
N LEU C 51 -2.02 -17.63 11.37
CA LEU C 51 -2.59 -18.25 12.55
C LEU C 51 -3.06 -17.18 13.52
N ASN C 52 -4.27 -17.36 14.06
CA ASN C 52 -4.81 -16.43 15.04
C ASN C 52 -4.18 -16.70 16.41
N GLU C 53 -4.74 -16.09 17.46
CA GLU C 53 -4.14 -16.15 18.79
C GLU C 53 -3.91 -17.59 19.24
N GLU C 54 -4.97 -18.40 19.27
CA GLU C 54 -4.91 -19.73 19.87
C GLU C 54 -4.20 -20.74 18.96
N SER C 55 -4.44 -20.66 17.65
CA SER C 55 -3.70 -21.51 16.72
C SER C 55 -2.20 -21.26 16.84
N TRP C 56 -1.81 -19.99 16.90
CA TRP C 56 -0.41 -19.63 17.09
C TRP C 56 0.12 -20.18 18.41
N THR C 57 -0.66 -20.03 19.48
CA THR C 57 -0.26 -20.54 20.78
C THR C 57 0.05 -22.03 20.72
N ARG C 58 -0.86 -22.81 20.13
CA ARG C 58 -0.65 -24.26 20.11
C ARG C 58 0.47 -24.67 19.17
N VAL C 59 0.68 -23.93 18.08
CA VAL C 59 1.83 -24.23 17.22
C VAL C 59 3.13 -23.99 17.96
N MET C 60 3.22 -22.88 18.69
CA MET C 60 4.41 -22.61 19.49
C MET C 60 4.63 -23.70 20.53
N ASP C 61 3.57 -24.06 21.26
CA ASP C 61 3.68 -25.11 22.27
C ASP C 61 4.15 -26.43 21.66
N ALA C 62 3.67 -26.74 20.45
CA ALA C 62 4.12 -27.96 19.78
C ALA C 62 5.58 -27.87 19.37
N LEU C 63 6.05 -26.67 19.03
CA LEU C 63 7.45 -26.54 18.61
C LEU C 63 8.40 -26.66 19.78
N SER C 64 8.06 -26.06 20.93
CA SER C 64 8.99 -26.07 22.07
C SER C 64 9.15 -27.47 22.65
N ASN C 65 8.04 -28.06 23.14
CA ASN C 65 8.06 -29.41 23.66
C ASN C 65 7.26 -30.31 22.72
N PRO C 66 7.89 -30.84 21.67
CA PRO C 66 7.14 -31.58 20.66
C PRO C 66 6.62 -32.88 21.21
N PRO C 67 5.50 -33.39 20.70
CA PRO C 67 4.92 -34.61 21.24
C PRO C 67 5.72 -35.85 20.85
N SER C 68 5.36 -36.96 21.47
CA SER C 68 5.86 -38.25 21.02
C SER C 68 4.90 -38.84 19.99
N PRO C 69 5.41 -39.40 18.90
CA PRO C 69 4.53 -40.00 17.89
C PRO C 69 3.73 -41.16 18.48
N GLY C 70 2.45 -41.20 18.14
CA GLY C 70 1.60 -42.27 18.62
C GLY C 70 1.97 -43.62 18.03
N GLU C 71 1.37 -44.66 18.60
CA GLU C 71 1.69 -46.01 18.14
C GLU C 71 1.16 -46.28 16.73
N LYS C 72 0.04 -45.65 16.37
CA LYS C 72 -0.47 -45.77 15.00
C LYS C 72 0.54 -45.23 14.00
N LEU C 73 1.02 -44.01 14.24
CA LEU C 73 2.00 -43.39 13.34
C LEU C 73 3.30 -44.19 13.29
N LYS C 74 3.71 -44.79 14.41
CA LYS C 74 4.95 -45.55 14.41
C LYS C 74 4.80 -46.88 13.67
N ARG C 75 3.65 -47.54 13.82
CA ARG C 75 3.38 -48.72 13.00
C ARG C 75 3.39 -48.36 11.52
N ALA C 76 2.75 -47.23 11.16
CA ALA C 76 2.76 -46.79 9.77
C ALA C 76 4.18 -46.52 9.29
N ALA C 77 5.01 -45.93 10.15
CA ALA C 77 6.40 -45.68 9.78
C ALA C 77 7.16 -46.98 9.57
N LYS C 78 6.90 -47.99 10.40
CA LYS C 78 7.60 -49.26 10.27
C LYS C 78 7.15 -50.05 9.05
N ARG C 79 5.93 -49.79 8.55
CA ARG C 79 5.44 -50.56 7.41
C ARG C 79 6.26 -50.29 6.15
N LEU C 80 6.43 -49.02 5.77
CA LEU C 80 7.06 -48.71 4.49
C LEU C 80 8.56 -49.04 4.45
N GLN C 81 9.16 -49.39 5.58
CA GLN C 81 10.57 -49.81 5.60
C GLN C 81 10.79 -51.14 4.91
N LYS D 1 5.46 20.67 -24.87
CA LYS D 1 5.74 22.00 -24.35
C LYS D 1 7.11 22.05 -23.66
N GLN D 2 7.13 22.19 -22.34
CA GLN D 2 8.37 22.51 -21.64
C GLN D 2 9.25 21.26 -21.48
N ARG D 3 10.48 21.50 -21.00
CA ARG D 3 11.53 20.49 -21.00
C ARG D 3 12.46 20.75 -19.82
N ILE D 4 12.90 19.68 -19.17
CA ILE D 4 13.76 19.75 -17.99
C ILE D 4 15.02 18.95 -18.26
N ASP D 5 16.17 19.61 -18.21
CA ASP D 5 17.47 18.96 -18.31
C ASP D 5 17.93 18.58 -16.90
N LEU D 6 18.30 17.31 -16.73
CA LEU D 6 18.62 16.77 -15.42
C LEU D 6 20.00 16.12 -15.42
N ARG D 7 20.70 16.24 -14.30
CA ARG D 7 22.03 15.66 -14.12
C ARG D 7 21.99 14.64 -13.00
N LEU D 8 22.29 13.38 -13.34
CA LEU D 8 22.40 12.31 -12.36
C LEU D 8 23.73 11.60 -12.56
N THR D 9 24.27 11.05 -11.48
CA THR D 9 25.50 10.27 -11.58
C THR D 9 25.24 9.00 -12.37
N ASP D 10 26.33 8.32 -12.74
CA ASP D 10 26.22 7.06 -13.49
C ASP D 10 25.38 6.04 -12.71
N ASP D 11 25.55 6.00 -11.39
CA ASP D 11 24.86 5.00 -10.58
C ASP D 11 23.40 5.35 -10.36
N ASP D 12 23.09 6.63 -10.18
CA ASP D 12 21.69 7.04 -10.16
C ASP D 12 20.98 6.61 -11.44
N LYS D 13 21.63 6.86 -12.59
CA LYS D 13 21.03 6.48 -13.87
C LYS D 13 20.90 4.97 -14.00
N SER D 14 21.88 4.21 -13.51
CA SER D 14 21.78 2.75 -13.55
C SER D 14 20.60 2.26 -12.72
N MET D 15 20.42 2.82 -11.52
CA MET D 15 19.30 2.40 -10.69
C MET D 15 17.97 2.80 -11.32
N ILE D 16 17.90 3.99 -11.92
CA ILE D 16 16.67 4.41 -12.59
C ILE D 16 16.34 3.48 -13.75
N GLU D 17 17.36 3.09 -14.52
CA GLU D 17 17.13 2.20 -15.65
C GLU D 17 16.67 0.82 -15.20
N GLU D 18 17.30 0.29 -14.14
CA GLU D 18 16.88 -1.02 -13.64
C GLU D 18 15.43 -0.99 -13.16
N ALA D 19 15.09 0.00 -12.32
CA ALA D 19 13.73 0.09 -11.79
C ALA D 19 12.72 0.36 -12.90
N ALA D 20 13.08 1.20 -13.87
CA ALA D 20 12.18 1.45 -15.00
C ALA D 20 11.99 0.20 -15.85
N ALA D 21 13.00 -0.67 -15.88
CA ALA D 21 12.88 -1.93 -16.62
C ALA D 21 11.99 -2.92 -15.90
N ILE D 22 12.05 -2.95 -14.56
CA ILE D 22 11.15 -3.82 -13.81
C ILE D 22 9.69 -3.41 -14.03
N SER D 23 9.44 -2.11 -14.25
CA SER D 23 8.10 -1.60 -14.47
C SER D 23 7.60 -1.81 -15.89
N ASN D 24 8.45 -2.31 -16.80
CA ASN D 24 8.13 -2.42 -18.22
C ASN D 24 7.82 -1.05 -18.82
N GLN D 25 8.53 -0.03 -18.35
CA GLN D 25 8.40 1.33 -18.84
C GLN D 25 9.75 1.80 -19.39
N SER D 26 9.69 2.94 -20.08
CA SER D 26 10.91 3.62 -20.46
C SER D 26 11.47 4.41 -19.28
N VAL D 27 12.77 4.72 -19.35
CA VAL D 27 13.40 5.53 -18.32
C VAL D 27 12.70 6.87 -18.19
N SER D 28 12.41 7.50 -19.32
CA SER D 28 11.75 8.81 -19.31
C SER D 28 10.37 8.73 -18.68
N GLN D 29 9.57 7.74 -19.10
CA GLN D 29 8.22 7.59 -18.57
C GLN D 29 8.25 7.26 -17.08
N PHE D 30 9.20 6.43 -16.66
CA PHE D 30 9.32 6.09 -15.24
C PHE D 30 9.63 7.34 -14.42
N MET D 31 10.61 8.13 -14.84
CA MET D 31 10.92 9.36 -14.12
C MET D 31 9.73 10.32 -14.10
N LEU D 32 9.04 10.45 -15.22
CA LEU D 32 7.88 11.34 -15.30
C LEU D 32 6.78 10.91 -14.34
N ASN D 33 6.40 9.64 -14.38
CA ASN D 33 5.34 9.16 -13.51
C ASN D 33 5.74 9.22 -12.05
N SER D 34 7.01 8.94 -11.75
CA SER D 34 7.49 9.04 -10.37
C SER D 34 7.34 10.45 -9.86
N ALA D 35 7.83 11.44 -10.63
CA ALA D 35 7.73 12.83 -10.21
C ALA D 35 6.28 13.28 -10.10
N SER D 36 5.43 12.84 -11.04
CA SER D 36 4.03 13.26 -11.03
C SER D 36 3.28 12.68 -9.82
N GLN D 37 3.39 11.37 -9.62
CA GLN D 37 2.72 10.74 -8.48
C GLN D 37 3.25 11.29 -7.16
N ARG D 38 4.57 11.51 -7.07
CA ARG D 38 5.13 12.02 -5.82
C ARG D 38 4.75 13.47 -5.59
N ALA D 39 4.57 14.26 -6.66
CA ALA D 39 4.16 15.65 -6.48
C ALA D 39 2.71 15.73 -6.05
N ALA D 40 1.82 14.94 -6.68
CA ALA D 40 0.43 14.90 -6.23
C ALA D 40 0.33 14.37 -4.80
N GLU D 41 1.18 13.39 -4.46
CA GLU D 41 1.18 12.84 -3.12
C GLU D 41 1.68 13.86 -2.09
N VAL D 42 2.71 14.62 -2.44
CA VAL D 42 3.21 15.68 -1.57
C VAL D 42 2.14 16.76 -1.37
N ILE D 43 1.43 17.10 -2.45
CA ILE D 43 0.37 18.11 -2.36
C ILE D 43 -0.74 17.63 -1.44
N GLU D 44 -1.12 16.35 -1.54
CA GLU D 44 -2.15 15.83 -0.65
C GLU D 44 -1.67 15.81 0.79
N GLN D 45 -0.49 15.20 1.04
CA GLN D 45 0.07 15.15 2.38
C GLN D 45 0.20 16.54 3.00
N HIS D 46 0.38 17.57 2.16
CA HIS D 46 0.54 18.92 2.69
C HIS D 46 -0.76 19.42 3.31
N ARG D 47 -1.85 19.44 2.53
CA ARG D 47 -3.14 19.98 2.96
C ARG D 47 -3.86 19.12 4.01
N ARG D 48 -3.28 18.03 4.50
CA ARG D 48 -3.89 17.19 5.53
C ARG D 48 -3.22 17.45 6.87
N VAL D 49 -4.04 17.71 7.89
CA VAL D 49 -3.58 18.02 9.24
C VAL D 49 -3.87 16.80 10.10
N ILE D 50 -2.87 15.92 10.27
CA ILE D 50 -3.02 14.70 11.04
C ILE D 50 -2.79 15.05 12.50
N LEU D 51 -3.88 15.13 13.27
CA LEU D 51 -3.82 15.45 14.69
C LEU D 51 -3.61 14.18 15.51
N ASN D 52 -2.91 14.32 16.63
CA ASN D 52 -2.75 13.22 17.55
C ASN D 52 -3.93 13.16 18.51
N GLU D 53 -3.84 12.26 19.50
CA GLU D 53 -4.94 12.04 20.44
C GLU D 53 -5.42 13.35 21.07
N GLU D 54 -4.50 14.09 21.69
CA GLU D 54 -4.87 15.27 22.47
C GLU D 54 -5.24 16.46 21.59
N SER D 55 -4.56 16.65 20.46
CA SER D 55 -4.94 17.70 19.54
C SER D 55 -6.32 17.44 18.94
N TRP D 56 -6.58 16.19 18.57
CA TRP D 56 -7.91 15.79 18.13
C TRP D 56 -8.94 16.12 19.20
N THR D 57 -8.67 15.71 20.45
CA THR D 57 -9.57 16.01 21.56
C THR D 57 -9.83 17.50 21.69
N ARG D 58 -8.78 18.31 21.54
CA ARG D 58 -8.93 19.76 21.73
C ARG D 58 -9.76 20.39 20.62
N VAL D 59 -9.57 19.97 19.37
CA VAL D 59 -10.41 20.49 18.30
C VAL D 59 -11.86 20.04 18.48
N MET D 60 -12.06 18.81 18.95
CA MET D 60 -13.42 18.35 19.23
C MET D 60 -14.06 19.18 20.33
N ASP D 61 -13.31 19.53 21.37
CA ASP D 61 -13.85 20.35 22.45
C ASP D 61 -14.13 21.77 21.99
N ALA D 62 -13.31 22.30 21.08
CA ALA D 62 -13.57 23.63 20.54
C ALA D 62 -14.80 23.64 19.65
N LEU D 63 -15.06 22.54 18.94
CA LEU D 63 -16.29 22.43 18.17
C LEU D 63 -17.50 22.19 19.05
N SER D 64 -17.33 21.53 20.19
CA SER D 64 -18.44 21.31 21.13
C SER D 64 -18.72 22.56 21.97
N ASN D 65 -17.71 23.07 22.66
CA ASN D 65 -17.82 24.28 23.48
C ASN D 65 -16.88 25.34 22.89
N PRO D 66 -17.32 26.06 21.86
CA PRO D 66 -16.47 27.09 21.25
C PRO D 66 -16.35 28.31 22.14
N PRO D 67 -15.16 28.89 22.23
CA PRO D 67 -14.97 30.07 23.09
C PRO D 67 -15.76 31.27 22.61
N SER D 68 -15.91 32.25 23.52
CA SER D 68 -16.48 33.55 23.18
C SER D 68 -15.37 34.49 22.73
N PRO D 69 -15.54 35.21 21.61
CA PRO D 69 -14.47 36.07 21.10
C PRO D 69 -13.95 37.05 22.15
N GLY D 70 -12.62 37.11 22.26
CA GLY D 70 -11.98 37.88 23.30
C GLY D 70 -11.90 39.37 22.99
N GLU D 71 -11.53 40.12 24.04
CA GLU D 71 -11.49 41.57 23.97
C GLU D 71 -10.61 42.07 22.82
N LYS D 72 -9.43 41.47 22.68
CA LYS D 72 -8.49 41.91 21.64
C LYS D 72 -9.06 41.70 20.25
N LEU D 73 -9.54 40.50 19.97
CA LEU D 73 -10.12 40.20 18.66
C LEU D 73 -11.39 41.01 18.41
N LYS D 74 -12.15 41.29 19.47
CA LYS D 74 -13.32 42.15 19.34
C LYS D 74 -12.93 43.54 18.88
N ARG D 75 -11.93 44.14 19.54
CA ARG D 75 -11.48 45.46 19.14
C ARG D 75 -10.91 45.45 17.73
N ALA D 76 -10.28 44.35 17.33
CA ALA D 76 -9.76 44.25 15.96
C ALA D 76 -10.89 44.23 14.94
N ALA D 77 -11.87 43.34 15.14
CA ALA D 77 -13.00 43.27 14.22
C ALA D 77 -13.80 44.57 14.21
N LYS D 78 -13.73 45.37 15.28
CA LYS D 78 -14.31 46.71 15.23
C LYS D 78 -13.43 47.64 14.40
N ARG D 79 -12.11 47.58 14.61
CA ARG D 79 -11.18 48.37 13.81
C ARG D 79 -11.40 48.14 12.33
N LEU D 80 -11.87 46.95 11.95
CA LEU D 80 -12.25 46.70 10.56
C LEU D 80 -13.34 47.68 10.10
N GLN D 81 -14.46 47.69 10.80
CA GLN D 81 -15.59 48.56 10.45
C GLN D 81 -15.24 50.04 10.64
N LYS E 1 -13.97 -10.07 -28.88
CA LYS E 1 -14.39 -9.18 -29.96
C LYS E 1 -13.21 -8.42 -30.54
N GLN E 2 -12.25 -8.10 -29.67
CA GLN E 2 -11.09 -7.28 -30.02
C GLN E 2 -9.82 -8.07 -29.75
N ARG E 3 -8.68 -7.38 -29.81
CA ARG E 3 -7.38 -8.01 -29.88
C ARG E 3 -6.38 -7.18 -29.09
N ILE E 4 -5.38 -7.86 -28.52
CA ILE E 4 -4.28 -7.16 -27.85
C ILE E 4 -3.07 -8.08 -27.85
N ASP E 5 -1.89 -7.48 -28.02
CA ASP E 5 -0.61 -8.18 -27.99
C ASP E 5 0.10 -7.90 -26.68
N LEU E 6 0.47 -8.96 -25.96
CA LEU E 6 1.14 -8.83 -24.68
C LEU E 6 2.41 -9.68 -24.67
N ARG E 7 3.53 -9.04 -24.39
CA ARG E 7 4.86 -9.68 -24.41
C ARG E 7 5.39 -9.78 -23.00
N LEU E 8 5.85 -10.97 -22.62
CA LEU E 8 6.32 -11.26 -21.26
C LEU E 8 7.77 -11.73 -21.30
N THR E 9 8.26 -12.20 -20.14
CA THR E 9 9.68 -12.44 -19.93
C THR E 9 10.00 -13.84 -19.41
N ASP E 10 9.04 -14.77 -19.46
CA ASP E 10 9.19 -16.15 -18.99
C ASP E 10 9.25 -16.23 -17.46
N ASP E 11 9.38 -15.08 -16.81
CA ASP E 11 9.19 -14.97 -15.36
C ASP E 11 7.83 -14.39 -15.04
N ASP E 12 7.38 -13.45 -15.87
CA ASP E 12 5.99 -13.00 -15.82
C ASP E 12 5.04 -14.14 -16.16
N LYS E 13 5.36 -14.92 -17.20
CA LYS E 13 4.38 -15.90 -17.68
C LYS E 13 4.31 -17.11 -16.76
N SER E 14 5.44 -17.60 -16.26
CA SER E 14 5.40 -18.72 -15.32
C SER E 14 4.65 -18.34 -14.06
N MET E 15 4.89 -17.14 -13.56
CA MET E 15 4.20 -16.65 -12.37
C MET E 15 2.70 -16.47 -12.63
N ILE E 16 2.34 -15.97 -13.81
CA ILE E 16 0.94 -15.76 -14.15
C ILE E 16 0.22 -17.09 -14.36
N GLU E 17 0.90 -18.08 -14.96
CA GLU E 17 0.31 -19.40 -15.08
C GLU E 17 0.15 -20.06 -13.72
N GLU E 18 1.12 -19.86 -12.82
CA GLU E 18 0.99 -20.41 -11.47
C GLU E 18 -0.17 -19.78 -10.72
N ALA E 19 -0.31 -18.45 -10.81
CA ALA E 19 -1.41 -17.78 -10.14
C ALA E 19 -2.75 -18.02 -10.81
N ALA E 20 -2.75 -18.39 -12.09
CA ALA E 20 -3.99 -18.83 -12.73
C ALA E 20 -4.39 -20.22 -12.24
N ALA E 21 -3.43 -21.15 -12.19
CA ALA E 21 -3.70 -22.48 -11.65
C ALA E 21 -4.17 -22.41 -10.21
N ILE E 22 -3.63 -21.45 -9.43
CA ILE E 22 -4.05 -21.29 -8.05
C ILE E 22 -5.53 -20.94 -7.97
N SER E 23 -5.93 -19.89 -8.69
CA SER E 23 -7.29 -19.37 -8.61
C SER E 23 -8.29 -20.09 -9.50
N ASN E 24 -7.90 -21.23 -10.10
CA ASN E 24 -8.82 -22.09 -10.85
C ASN E 24 -9.36 -21.39 -12.10
N GLN E 25 -8.46 -20.74 -12.84
CA GLN E 25 -8.85 -20.01 -14.04
C GLN E 25 -7.83 -20.24 -15.16
N SER E 26 -8.18 -19.77 -16.34
CA SER E 26 -7.26 -19.73 -17.46
C SER E 26 -6.27 -18.58 -17.29
N VAL E 27 -5.18 -18.64 -18.06
CA VAL E 27 -4.26 -17.51 -18.09
C VAL E 27 -4.93 -16.31 -18.75
N SER E 28 -5.77 -16.56 -19.76
CA SER E 28 -6.57 -15.49 -20.33
C SER E 28 -7.54 -14.92 -19.30
N GLN E 29 -8.31 -15.79 -18.64
CA GLN E 29 -9.24 -15.32 -17.61
C GLN E 29 -8.50 -14.55 -16.54
N PHE E 30 -7.34 -15.05 -16.11
CA PHE E 30 -6.61 -14.41 -15.02
C PHE E 30 -6.09 -13.04 -15.43
N MET E 31 -5.43 -12.96 -16.59
CA MET E 31 -4.90 -11.67 -17.03
C MET E 31 -6.01 -10.66 -17.28
N LEU E 32 -7.12 -11.12 -17.89
CA LEU E 32 -8.25 -10.22 -18.16
C LEU E 32 -8.85 -9.71 -16.86
N ASN E 33 -9.13 -10.59 -15.91
CA ASN E 33 -9.73 -10.16 -14.65
C ASN E 33 -8.77 -9.28 -13.86
N SER E 34 -7.47 -9.59 -13.91
CA SER E 34 -6.45 -8.73 -13.30
C SER E 34 -6.55 -7.31 -13.84
N ALA E 35 -6.35 -7.16 -15.16
CA ALA E 35 -6.41 -5.83 -15.77
C ALA E 35 -7.75 -5.15 -15.54
N SER E 36 -8.84 -5.93 -15.50
CA SER E 36 -10.17 -5.35 -15.38
C SER E 36 -10.44 -4.80 -13.98
N GLN E 37 -10.25 -5.62 -12.95
CA GLN E 37 -10.44 -5.14 -11.59
C GLN E 37 -9.43 -4.06 -11.22
N ARG E 38 -8.22 -4.13 -11.80
CA ARG E 38 -7.26 -3.05 -11.60
C ARG E 38 -7.75 -1.76 -12.25
N ALA E 39 -8.36 -1.86 -13.44
CA ALA E 39 -8.94 -0.69 -14.08
C ALA E 39 -10.07 -0.12 -13.23
N ALA E 40 -10.82 -1.00 -12.57
CA ALA E 40 -11.87 -0.53 -11.66
C ALA E 40 -11.28 0.28 -10.52
N GLU E 41 -10.25 -0.28 -9.86
CA GLU E 41 -9.52 0.45 -8.82
C GLU E 41 -9.02 1.80 -9.33
N VAL E 42 -8.42 1.80 -10.52
CA VAL E 42 -7.76 3.00 -11.04
C VAL E 42 -8.78 4.09 -11.36
N ILE E 43 -9.87 3.71 -12.03
CA ILE E 43 -10.91 4.69 -12.35
C ILE E 43 -11.55 5.23 -11.08
N GLU E 44 -11.74 4.36 -10.07
CA GLU E 44 -12.29 4.81 -8.80
C GLU E 44 -11.38 5.83 -8.12
N GLN E 45 -10.07 5.56 -8.12
CA GLN E 45 -9.15 6.49 -7.45
C GLN E 45 -9.05 7.81 -8.21
N HIS E 46 -9.04 7.74 -9.54
CA HIS E 46 -9.08 8.97 -10.33
C HIS E 46 -10.32 9.78 -10.03
N ARG E 47 -11.47 9.10 -9.88
CA ARG E 47 -12.71 9.79 -9.58
C ARG E 47 -12.67 10.44 -8.20
N ARG E 48 -12.13 9.73 -7.20
CA ARG E 48 -12.01 10.31 -5.87
C ARG E 48 -11.10 11.53 -5.88
N VAL E 49 -9.99 11.46 -6.63
CA VAL E 49 -9.08 12.60 -6.71
C VAL E 49 -9.77 13.78 -7.39
N ILE E 50 -10.59 13.50 -8.41
CA ILE E 50 -11.34 14.56 -9.07
C ILE E 50 -12.31 15.21 -8.10
N LEU E 51 -12.97 14.41 -7.25
CA LEU E 51 -13.87 14.98 -6.25
C LEU E 51 -13.12 15.82 -5.24
N ASN E 52 -11.92 15.37 -4.85
CA ASN E 52 -11.09 16.15 -3.94
C ASN E 52 -10.74 17.50 -4.54
N GLU E 53 -10.36 17.52 -5.81
CA GLU E 53 -10.01 18.79 -6.45
C GLU E 53 -11.25 19.65 -6.70
N GLU E 54 -12.41 19.02 -6.90
CA GLU E 54 -13.64 19.80 -7.03
C GLU E 54 -13.97 20.52 -5.73
N SER E 55 -13.91 19.82 -4.60
CA SER E 55 -14.15 20.48 -3.31
C SER E 55 -13.07 21.52 -3.03
N TRP E 56 -11.83 21.24 -3.45
CA TRP E 56 -10.74 22.20 -3.28
C TRP E 56 -11.05 23.50 -4.01
N THR E 57 -11.46 23.40 -5.29
CA THR E 57 -11.77 24.59 -6.07
C THR E 57 -13.01 25.31 -5.52
N ARG E 58 -13.96 24.54 -4.98
CA ARG E 58 -15.09 25.17 -4.29
C ARG E 58 -14.62 26.07 -3.15
N VAL E 59 -13.84 25.50 -2.23
CA VAL E 59 -13.40 26.28 -1.06
C VAL E 59 -12.40 27.37 -1.45
N MET E 60 -11.69 27.22 -2.57
CA MET E 60 -10.80 28.29 -3.00
C MET E 60 -11.57 29.43 -3.69
N ASP E 61 -12.70 29.11 -4.32
CA ASP E 61 -13.57 30.16 -4.83
C ASP E 61 -14.31 30.85 -3.70
N ALA E 62 -14.59 30.13 -2.62
CA ALA E 62 -15.29 30.76 -1.49
C ALA E 62 -14.38 31.75 -0.78
N LEU E 63 -13.12 31.39 -0.55
CA LEU E 63 -12.16 32.23 0.14
C LEU E 63 -11.67 33.40 -0.71
N SER E 64 -12.05 33.47 -1.99
CA SER E 64 -11.67 34.62 -2.81
C SER E 64 -12.71 35.73 -2.69
N ASN E 65 -13.94 35.48 -3.14
CA ASN E 65 -15.13 36.24 -2.73
C ASN E 65 -16.40 35.73 -3.40
N PRO E 66 -17.58 36.16 -2.92
CA PRO E 66 -18.80 36.15 -3.73
C PRO E 66 -18.95 37.48 -4.47
N LYS F 1 29.00 12.64 -14.40
CA LYS F 1 27.63 13.12 -14.45
C LYS F 1 27.01 12.87 -15.83
N GLN F 2 25.81 12.30 -15.84
CA GLN F 2 25.07 11.99 -17.05
C GLN F 2 23.86 12.91 -17.15
N ARG F 3 23.38 13.09 -18.38
CA ARG F 3 22.30 14.02 -18.67
C ARG F 3 21.10 13.28 -19.22
N ILE F 4 19.92 13.60 -18.70
CA ILE F 4 18.66 13.02 -19.14
C ILE F 4 17.61 14.13 -19.20
N ASP F 5 16.98 14.30 -20.36
CA ASP F 5 15.95 15.31 -20.56
C ASP F 5 14.55 14.71 -20.56
N LEU F 6 13.57 15.49 -20.11
CA LEU F 6 12.18 15.04 -19.98
C LEU F 6 11.23 16.19 -20.31
N ARG F 7 10.15 15.86 -21.03
CA ARG F 7 9.19 16.83 -21.52
C ARG F 7 7.91 16.76 -20.69
N LEU F 8 7.51 17.89 -20.12
CA LEU F 8 6.27 18.02 -19.36
C LEU F 8 5.17 18.69 -20.19
N THR F 9 4.07 19.11 -19.53
CA THR F 9 2.86 19.56 -20.18
C THR F 9 2.31 20.80 -19.49
N ASP F 10 3.21 21.62 -18.94
CA ASP F 10 2.88 22.98 -18.49
C ASP F 10 1.93 23.02 -17.28
N ASP F 11 1.19 21.92 -17.10
CA ASP F 11 0.40 21.70 -15.90
C ASP F 11 1.18 20.83 -14.95
N ASP F 12 1.69 19.70 -15.47
CA ASP F 12 2.58 18.81 -14.74
C ASP F 12 3.68 19.60 -14.05
N LYS F 13 4.43 20.39 -14.82
CA LYS F 13 5.51 21.20 -14.26
C LYS F 13 5.01 22.02 -13.08
N SER F 14 3.84 22.67 -13.25
CA SER F 14 3.24 23.42 -12.15
C SER F 14 3.19 22.57 -10.89
N MET F 15 2.53 21.42 -10.99
CA MET F 15 2.48 20.47 -9.88
C MET F 15 3.86 20.26 -9.30
N ILE F 16 4.83 19.85 -10.14
CA ILE F 16 6.19 19.67 -9.64
C ILE F 16 6.67 20.94 -8.99
N GLU F 17 6.56 22.06 -9.73
CA GLU F 17 6.99 23.35 -9.20
C GLU F 17 6.27 23.68 -7.91
N GLU F 18 5.03 23.23 -7.78
CA GLU F 18 4.32 23.36 -6.52
C GLU F 18 4.97 22.50 -5.43
N ALA F 19 5.10 21.19 -5.70
CA ALA F 19 5.64 20.27 -4.70
C ALA F 19 7.07 20.62 -4.34
N ALA F 20 7.87 20.99 -5.34
CA ALA F 20 9.26 21.37 -5.09
C ALA F 20 9.35 22.52 -4.09
N ALA F 21 8.36 23.41 -4.10
CA ALA F 21 8.38 24.53 -3.16
C ALA F 21 7.91 24.11 -1.77
N ILE F 22 7.15 23.03 -1.66
CA ILE F 22 6.64 22.61 -0.36
C ILE F 22 7.70 21.81 0.39
N SER F 23 8.25 20.77 -0.23
CA SER F 23 9.28 19.94 0.37
C SER F 23 10.66 20.61 0.38
N ASN F 24 10.71 21.91 0.04
CA ASN F 24 11.93 22.73 0.15
C ASN F 24 13.05 22.16 -0.73
N GLN F 25 12.78 22.10 -2.04
CA GLN F 25 13.75 21.62 -3.01
C GLN F 25 13.62 22.43 -4.29
N SER F 26 14.49 22.13 -5.25
CA SER F 26 14.35 22.60 -6.62
C SER F 26 13.51 21.60 -7.42
N VAL F 27 13.05 22.04 -8.59
CA VAL F 27 12.35 21.13 -9.48
C VAL F 27 13.28 20.01 -9.93
N SER F 28 14.54 20.36 -10.20
CA SER F 28 15.53 19.37 -10.58
C SER F 28 15.72 18.33 -9.47
N GLN F 29 16.11 18.79 -8.28
CA GLN F 29 16.33 17.87 -7.16
C GLN F 29 15.05 17.12 -6.80
N PHE F 30 13.90 17.77 -6.89
CA PHE F 30 12.65 17.08 -6.52
C PHE F 30 12.35 15.94 -7.49
N MET F 31 12.38 16.21 -8.80
CA MET F 31 12.12 15.15 -9.76
C MET F 31 13.13 14.01 -9.60
N LEU F 32 14.41 14.36 -9.40
CA LEU F 32 15.43 13.34 -9.26
C LEU F 32 15.19 12.49 -8.02
N ASN F 33 14.87 13.12 -6.90
CA ASN F 33 14.64 12.36 -5.67
C ASN F 33 13.38 11.52 -5.75
N SER F 34 12.32 12.05 -6.38
CA SER F 34 11.11 11.25 -6.58
C SER F 34 11.43 9.99 -7.36
N ALA F 35 12.11 10.15 -8.51
CA ALA F 35 12.44 9.00 -9.34
C ALA F 35 13.36 8.02 -8.61
N SER F 36 14.31 8.52 -7.80
CA SER F 36 15.24 7.62 -7.13
C SER F 36 14.59 6.87 -5.96
N GLN F 37 13.74 7.55 -5.19
CA GLN F 37 12.97 6.86 -4.16
C GLN F 37 12.10 5.77 -4.78
N ARG F 38 11.40 6.10 -5.86
CA ARG F 38 10.58 5.09 -6.52
C ARG F 38 11.44 3.97 -7.10
N ALA F 39 12.65 4.30 -7.53
CA ALA F 39 13.55 3.26 -8.04
C ALA F 39 13.93 2.29 -6.93
N ALA F 40 14.26 2.82 -5.76
CA ALA F 40 14.54 1.97 -4.60
C ALA F 40 13.33 1.10 -4.27
N GLU F 41 12.14 1.68 -4.29
CA GLU F 41 10.92 0.91 -4.04
C GLU F 41 10.81 -0.28 -5.00
N VAL F 42 10.79 0.02 -6.31
CA VAL F 42 10.62 -1.00 -7.33
C VAL F 42 11.68 -2.08 -7.19
N ILE F 43 12.94 -1.67 -6.99
CA ILE F 43 14.04 -2.62 -6.96
C ILE F 43 13.96 -3.53 -5.74
N GLU F 44 13.63 -2.97 -4.58
CA GLU F 44 13.56 -3.79 -3.37
C GLU F 44 12.37 -4.75 -3.43
N GLN F 45 11.25 -4.33 -4.03
CA GLN F 45 10.13 -5.25 -4.18
C GLN F 45 10.47 -6.38 -5.16
N HIS F 46 11.17 -6.05 -6.25
CA HIS F 46 11.60 -7.09 -7.17
C HIS F 46 12.57 -8.06 -6.49
N ARG F 47 13.47 -7.54 -5.66
CA ARG F 47 14.35 -8.43 -4.91
C ARG F 47 13.57 -9.31 -3.95
N ARG F 48 12.51 -8.77 -3.35
CA ARG F 48 11.65 -9.59 -2.49
C ARG F 48 11.04 -10.75 -3.27
N VAL F 49 10.53 -10.48 -4.48
CA VAL F 49 9.91 -11.56 -5.24
C VAL F 49 10.97 -12.58 -5.67
N ILE F 50 12.17 -12.12 -6.03
CA ILE F 50 13.22 -13.06 -6.43
C ILE F 50 13.64 -13.92 -5.26
N LEU F 51 13.72 -13.34 -4.05
CA LEU F 51 14.10 -14.11 -2.88
C LEU F 51 13.02 -15.11 -2.49
N ASN F 52 11.75 -14.71 -2.60
CA ASN F 52 10.68 -15.66 -2.33
C ASN F 52 10.74 -16.83 -3.30
N GLU F 53 10.98 -16.56 -4.58
CA GLU F 53 11.12 -17.63 -5.55
C GLU F 53 12.33 -18.52 -5.26
N GLU F 54 13.41 -17.92 -4.77
CA GLU F 54 14.60 -18.72 -4.45
C GLU F 54 14.33 -19.66 -3.29
N SER F 55 13.73 -19.15 -2.21
CA SER F 55 13.38 -20.00 -1.07
C SER F 55 12.39 -21.08 -1.47
N TRP F 56 11.42 -20.71 -2.31
CA TRP F 56 10.46 -21.68 -2.83
C TRP F 56 11.17 -22.79 -3.60
N THR F 57 12.12 -22.43 -4.46
CA THR F 57 12.86 -23.42 -5.23
C THR F 57 13.67 -24.34 -4.32
N ARG F 58 14.34 -23.77 -3.31
CA ARG F 58 15.08 -24.60 -2.36
C ARG F 58 14.16 -25.62 -1.70
N VAL F 59 13.07 -25.15 -1.08
CA VAL F 59 12.23 -26.05 -0.29
C VAL F 59 11.53 -27.06 -1.19
N MET F 60 11.12 -26.65 -2.40
CA MET F 60 10.41 -27.56 -3.30
C MET F 60 11.34 -28.59 -3.92
N ASP F 61 12.57 -28.19 -4.24
CA ASP F 61 13.58 -29.15 -4.68
C ASP F 61 13.89 -30.14 -3.56
N ALA F 62 13.87 -29.69 -2.31
CA ALA F 62 14.13 -30.60 -1.21
C ALA F 62 12.99 -31.58 -0.98
N LEU F 63 11.76 -31.19 -1.31
CA LEU F 63 10.61 -32.07 -1.15
C LEU F 63 10.42 -33.03 -2.30
N SER F 64 11.31 -33.03 -3.29
CA SER F 64 11.15 -33.85 -4.49
C SER F 64 12.17 -34.98 -4.47
N ASN F 65 11.70 -36.20 -4.19
CA ASN F 65 12.51 -37.41 -4.31
C ASN F 65 13.79 -37.34 -3.48
N PRO F 66 13.72 -36.93 -2.20
CA PRO F 66 14.96 -36.66 -1.46
C PRO F 66 15.65 -37.93 -0.97
N1A ACO G . -10.54 -49.10 15.08
C2A ACO G . -10.38 -49.55 13.82
N3A ACO G . -9.29 -49.31 13.05
C4A ACO G . -8.26 -48.58 13.54
C5A ACO G . -8.36 -48.06 14.92
C6A ACO G . -9.59 -48.37 15.68
N6A ACO G . -9.76 -47.92 16.95
N7A ACO G . -7.23 -47.40 15.18
C8A ACO G . -6.44 -47.45 14.08
N9A ACO G . -7.06 -48.15 13.11
C1B ACO G . -6.44 -48.38 11.79
C2B ACO G . -6.48 -49.84 11.36
O2B ACO G . -5.45 -50.62 11.99
C3B ACO G . -6.48 -49.79 9.82
O3B ACO G . -5.31 -50.28 9.14
P3B ACO G . -4.51 -51.63 9.54
O7A ACO G . -3.70 -51.96 8.29
O8A ACO G . -3.63 -51.20 10.71
O9A ACO G . -5.53 -52.69 9.94
C4B ACO G . -6.60 -48.29 9.54
O4B ACO G . -7.02 -47.63 10.74
C5B ACO G . -7.47 -47.89 8.36
O5B ACO G . -6.62 -47.28 7.38
P1A ACO G . -6.12 -45.75 7.55
O1A ACO G . -4.95 -45.53 6.63
O2A ACO G . -5.94 -45.39 9.01
O3A ACO G . -7.38 -44.91 7.00
P2A ACO G . -7.80 -44.84 5.45
O4A ACO G . -6.58 -44.68 4.56
O5A ACO G . -8.70 -46.04 5.19
O6A ACO G . -8.66 -43.48 5.42
CBP ACO G . -8.52 -41.46 4.12
CCP ACO G . -9.16 -42.86 4.22
CDP ACO G . -7.03 -41.30 3.79
CEP ACO G . -9.30 -40.17 4.44
CAP ACO G . -8.69 -41.46 2.55
OAP ACO G . -8.40 -42.76 1.98
C9P ACO G . -9.92 -40.92 1.81
O9P ACO G . -9.76 -40.58 0.65
N8P ACO G . -11.12 -40.85 2.37
C7P ACO G . -12.13 -39.92 1.88
C6P ACO G . -11.64 -38.53 1.47
C5P ACO G . -10.89 -37.81 2.58
O5P ACO G . -11.44 -37.58 3.63
N4P ACO G . -9.64 -37.43 2.32
C3P ACO G . -8.78 -36.90 3.37
C2P ACO G . -7.87 -35.79 2.85
S1P ACO G . -8.34 -34.24 3.56
C ACO G . -7.37 -33.22 2.67
O ACO G . -6.20 -33.06 2.99
CH3 ACO G . -7.95 -32.54 1.46
N1A ACO H . 1.61 43.45 26.59
C2A ACO H . 1.76 44.19 25.48
N3A ACO H . 0.85 44.31 24.50
C4A ACO H . -0.33 43.64 24.59
C5A ACO H . -0.59 42.80 25.78
C6A ACO H . 0.48 42.74 26.80
N6A ACO H . 0.32 42.00 27.92
N7A ACO H . -1.79 42.26 25.62
C8A ACO H . -2.32 42.68 24.44
N9A ACO H . -1.42 43.49 23.84
C1B ACO H . -1.68 44.13 22.52
C2B ACO H . -1.60 45.65 22.57
O2B ACO H . -2.83 46.29 22.95
C3B ACO H . -1.07 46.04 21.18
O3B ACO H . -1.75 46.94 20.29
P3B ACO H . -3.22 47.61 20.52
O7A ACO H . -3.69 47.93 19.11
O8A ACO H . -4.03 46.52 21.20
O9A ACO H . -2.97 48.82 21.41
C4B ACO H . -0.93 44.68 20.50
O4B ACO H . -0.77 43.69 21.52
C5B ACO H . 0.15 44.64 19.43
O5B ACO H . -0.59 44.37 18.24
P1A ACO H . -0.45 42.92 17.59
O1A ACO H . -1.24 42.85 16.31
O2A ACO H . -0.68 41.88 18.67
O3A ACO H . 1.11 42.97 17.23
P2A ACO H . 1.65 42.68 15.75
O4A ACO H . 0.49 42.37 14.81
O5A ACO H . 2.57 43.80 15.36
O6A ACO H . 2.51 41.35 16.01
CBP ACO H . 2.95 39.67 14.40
CCP ACO H . 3.50 40.94 15.06
CDP ACO H . 1.63 39.65 13.61
CEP ACO H . 3.65 38.32 14.57
CAP ACO H . 3.56 40.15 13.01
OAP ACO H . 3.30 41.55 12.81
C9P ACO H . 5.00 39.91 12.59
O9P ACO H . 5.26 40.11 11.40
N8P ACO H . 5.98 39.53 13.42
C7P ACO H . 7.19 38.93 12.89
C6P ACO H . 6.98 37.77 11.91
C5P ACO H . 6.06 36.71 12.45
O5P ACO H . 6.46 35.94 13.32
N4P ACO H . 4.82 36.64 11.95
C3P ACO H . 3.84 35.69 12.48
C2P ACO H . 3.39 34.65 11.47
S1P ACO H . 3.80 33.02 12.00
C ACO H . 3.47 32.29 10.55
O ACO H . 2.41 32.54 9.99
CH3 ACO H . 4.49 31.35 9.94
#